data_5JVY
#
_entry.id   5JVY
#
_cell.length_a   121.098
_cell.length_b   131.929
_cell.length_c   180.320
_cell.angle_alpha   90.00
_cell.angle_beta   90.00
_cell.angle_gamma   90.00
#
_symmetry.space_group_name_H-M   'I 2 2 2'
#
loop_
_entity.id
_entity.type
_entity.pdbx_description
1 polymer 'Prostaglandin G/H synthase 2'
2 branched 2-acetamido-2-deoxy-beta-D-glucopyranose-(1-4)-2-acetamido-2-deoxy-beta-D-glucopyranose
3 branched alpha-D-mannopyranose-(1-4)-2-acetamido-2-deoxy-beta-D-glucopyranose-(1-4)-2-acetamido-2-deoxy-beta-D-glucopyranose
4 non-polymer 'PROTOPORPHYRIN IX CONTAINING CO'
5 non-polymer 'octyl beta-D-glucopyranoside'
6 non-polymer 2-acetamido-2-deoxy-beta-D-glucopyranose
7 non-polymer 'ACRYLIC ACID'
8 water water
#
_entity_poly.entity_id   1
_entity_poly.type   'polypeptide(L)'
_entity_poly.pdbx_seq_one_letter_code
;HHPCCSNPCQNRGECMSTGFDQYKCDCTRTGFYGENCTTPEFLTRIKLLLAPTPQTVHYILTHFKGVWNIVNNVPFLRSL
IMKYVLTSRPYLIDSPPTYNVHYGYKSWEAFSNLSYYTRALPPVADDCPTPMGVKGNKELPDSKEVLEKVLLRREFIPDP
QGSNMMFAFFAQHFTHQFFKTDHKRGPGFTRGLGHGVDLNHIYGETLDRQHKLRLFKDGKLKYQVIGGEVYPPTVKDTQV
EMIYPPHIPENLQFAVGQEVFGLVPGLMMYATIWLREHNRVCDILKQEHPEWGDEQLFQTSRLILIGETIKIVIEDYVQH
LSGYHFKLKFDPELLFNQQFQYQNRIASEFNTLYHWHPLLPDTFNIEDQEYSFKQFLYNNSILLEHGLTQFVESFTRQIA
GRVAGGRNVPIAVQAVAKASIDQSREMKYQSLNEYRKRFSLKPYTSFEELTGEKEMAAELKALYSDIDVMELYPALLVEK
PRPDAIFGETMVELGAPFSLKGLMGNPICSPQYWKPSTFGGEVGFKIINTASIQSLICNNVKGCPFTSFNV
;
_entity_poly.pdbx_strand_id   A,B
#
loop_
_chem_comp.id
_chem_comp.type
_chem_comp.name
_chem_comp.formula
AKR non-polymer 'ACRYLIC ACID' 'C3 H4 O2'
BOG D-saccharide 'octyl beta-D-glucopyranoside' 'C14 H28 O6'
COH non-polymer 'PROTOPORPHYRIN IX CONTAINING CO' 'C34 H32 Co N4 O4'
MAN D-saccharide, alpha linking alpha-D-mannopyranose 'C6 H12 O6'
NAG D-saccharide, beta linking 2-acetamido-2-deoxy-beta-D-glucopyranose 'C8 H15 N O6'
#
# COMPACT_ATOMS: atom_id res chain seq x y z
N HIS A 1 -30.78 0.82 20.80
CA HIS A 1 -29.37 1.01 20.50
C HIS A 1 -28.90 0.04 19.42
N HIS A 2 -27.64 0.17 19.03
CA HIS A 2 -27.06 -0.69 18.00
C HIS A 2 -27.10 -2.15 18.45
N PRO A 3 -27.58 -3.04 17.55
CA PRO A 3 -27.76 -4.47 17.87
C PRO A 3 -26.46 -5.22 18.14
N CYS A 4 -25.34 -4.64 17.74
CA CYS A 4 -24.03 -5.30 17.88
C CYS A 4 -23.23 -4.78 19.06
N CYS A 5 -23.87 -4.02 19.94
CA CYS A 5 -23.20 -3.46 21.11
C CYS A 5 -22.63 -4.53 22.04
N SER A 6 -23.28 -5.69 22.09
CA SER A 6 -22.86 -6.76 23.00
C SER A 6 -21.76 -7.63 22.41
N ASN A 7 -21.32 -7.30 21.20
CA ASN A 7 -20.32 -8.09 20.46
C ASN A 7 -20.66 -9.58 20.42
N PRO A 8 -21.79 -9.93 19.80
CA PRO A 8 -22.30 -11.31 19.86
C PRO A 8 -21.47 -12.29 19.04
N CYS A 9 -20.92 -11.84 17.92
CA CYS A 9 -20.16 -12.72 17.03
C CYS A 9 -18.82 -13.11 17.63
N GLN A 10 -18.59 -14.41 17.76
CA GLN A 10 -17.34 -14.92 18.31
C GLN A 10 -16.39 -15.38 17.21
N ASN A 11 -15.16 -15.71 17.59
CA ASN A 11 -14.18 -16.30 16.68
C ASN A 11 -13.98 -15.48 15.41
N ARG A 12 -13.87 -14.16 15.59
CA ARG A 12 -13.61 -13.22 14.51
C ARG A 12 -14.69 -13.20 13.43
N GLY A 13 -15.91 -13.56 13.83
CA GLY A 13 -17.06 -13.38 12.96
C GLY A 13 -17.43 -11.91 12.95
N GLU A 14 -17.95 -11.42 11.82
CA GLU A 14 -18.28 -10.01 11.71
C GLU A 14 -19.76 -9.76 11.96
N CYS A 15 -20.07 -8.77 12.78
CA CYS A 15 -21.43 -8.46 13.14
C CYS A 15 -22.01 -7.36 12.26
N MET A 16 -23.28 -7.53 11.89
CA MET A 16 -23.99 -6.58 11.04
C MET A 16 -25.43 -6.44 11.49
N SER A 17 -25.92 -5.22 11.62
CA SER A 17 -27.31 -5.00 11.99
C SER A 17 -28.22 -5.29 10.81
N THR A 18 -29.32 -6.00 11.06
CA THR A 18 -30.28 -6.31 10.01
C THR A 18 -31.63 -5.68 10.33
N GLY A 19 -31.57 -4.62 11.14
CA GLY A 19 -32.76 -3.95 11.63
C GLY A 19 -32.39 -3.17 12.86
N PHE A 20 -33.38 -2.55 13.50
CA PHE A 20 -33.11 -1.74 14.69
C PHE A 20 -32.77 -2.62 15.90
N ASP A 21 -33.21 -3.86 15.88
CA ASP A 21 -33.05 -4.73 17.05
C ASP A 21 -32.42 -6.08 16.72
N GLN A 22 -32.06 -6.28 15.46
CA GLN A 22 -31.54 -7.58 15.04
C GLN A 22 -30.18 -7.48 14.37
N TYR A 23 -29.33 -8.47 14.61
CA TYR A 23 -28.01 -8.53 14.01
C TYR A 23 -27.82 -9.84 13.24
N LYS A 24 -26.79 -9.89 12.42
CA LYS A 24 -26.40 -11.12 11.75
C LYS A 24 -24.88 -11.29 11.83
N CYS A 25 -24.44 -12.53 11.98
CA CYS A 25 -23.00 -12.82 12.04
C CYS A 25 -22.50 -13.41 10.73
N ASP A 26 -21.40 -12.85 10.24
CA ASP A 26 -20.74 -13.37 9.04
C ASP A 26 -19.61 -14.30 9.46
N CYS A 27 -19.81 -15.60 9.28
CA CYS A 27 -18.86 -16.60 9.76
C CYS A 27 -17.89 -17.05 8.68
N THR A 28 -17.82 -16.30 7.58
CA THR A 28 -16.98 -16.64 6.44
C THR A 28 -15.51 -16.87 6.82
N ARG A 29 -15.02 -18.07 6.57
CA ARG A 29 -13.62 -18.46 6.80
C ARG A 29 -13.18 -18.30 8.25
N THR A 30 -14.13 -18.35 9.18
CA THR A 30 -13.80 -18.32 10.60
C THR A 30 -13.54 -19.74 11.12
N GLY A 31 -14.08 -20.73 10.43
CA GLY A 31 -13.98 -22.11 10.86
C GLY A 31 -15.13 -22.49 11.76
N PHE A 32 -16.03 -21.53 11.96
CA PHE A 32 -17.21 -21.72 12.81
C PHE A 32 -18.48 -21.35 12.04
N TYR A 33 -19.62 -21.73 12.59
CA TYR A 33 -20.90 -21.35 12.00
C TYR A 33 -21.98 -21.29 13.08
N GLY A 34 -23.19 -20.92 12.68
CA GLY A 34 -24.28 -20.75 13.62
C GLY A 34 -24.60 -19.27 13.81
N GLU A 35 -25.54 -18.99 14.71
CA GLU A 35 -26.00 -17.62 14.94
C GLU A 35 -24.88 -16.69 15.39
N ASN A 36 -23.98 -17.19 16.23
CA ASN A 36 -22.91 -16.38 16.78
C ASN A 36 -21.51 -16.86 16.40
N CYS A 37 -21.44 -17.74 15.40
CA CYS A 37 -20.18 -18.36 14.98
C CYS A 37 -19.48 -19.06 16.14
N THR A 38 -20.22 -19.90 16.87
CA THR A 38 -19.66 -20.59 18.03
C THR A 38 -19.61 -22.10 17.84
N THR A 39 -20.25 -22.59 16.78
CA THR A 39 -20.23 -24.01 16.48
C THR A 39 -19.08 -24.35 15.53
N PRO A 40 -18.08 -25.09 16.03
CA PRO A 40 -16.89 -25.42 15.24
C PRO A 40 -17.11 -26.52 14.21
N GLU A 41 -16.47 -26.40 13.05
CA GLU A 41 -16.48 -27.46 12.05
C GLU A 41 -15.57 -28.59 12.51
N PHE A 42 -15.63 -29.74 11.84
CA PHE A 42 -14.84 -30.89 12.25
C PHE A 42 -13.35 -30.62 12.07
N LEU A 43 -13.01 -29.91 10.99
CA LEU A 43 -11.63 -29.53 10.75
C LEU A 43 -11.13 -28.61 11.87
N THR A 44 -12.02 -27.75 12.35
CA THR A 44 -11.71 -26.82 13.42
C THR A 44 -11.53 -27.55 14.76
N ARG A 45 -12.39 -28.54 15.01
CA ARG A 45 -12.30 -29.34 16.23
C ARG A 45 -10.92 -30.00 16.35
N ILE A 46 -10.38 -30.43 15.22
CA ILE A 46 -9.06 -31.05 15.19
C ILE A 46 -7.97 -30.04 15.54
N LYS A 47 -8.00 -28.89 14.88
CA LYS A 47 -6.98 -27.85 15.06
C LYS A 47 -6.90 -27.36 16.50
N LEU A 48 -8.06 -27.27 17.16
CA LEU A 48 -8.13 -26.76 18.53
C LEU A 48 -7.59 -27.78 19.54
N LEU A 49 -7.70 -29.05 19.20
CA LEU A 49 -7.22 -30.12 20.07
C LEU A 49 -5.71 -30.22 20.08
N LEU A 50 -5.06 -29.62 19.08
CA LEU A 50 -3.63 -29.78 18.89
C LEU A 50 -2.86 -28.47 19.07
N ALA A 51 -3.58 -27.36 19.24
CA ALA A 51 -2.95 -26.06 19.39
C ALA A 51 -2.37 -25.87 20.79
N PRO A 52 -1.04 -25.68 20.87
CA PRO A 52 -0.37 -25.43 22.15
C PRO A 52 -0.64 -24.01 22.66
N THR A 53 -0.80 -23.87 23.97
CA THR A 53 -1.02 -22.56 24.57
C THR A 53 0.20 -21.67 24.43
N PRO A 54 -0.01 -20.34 24.34
CA PRO A 54 1.09 -19.39 24.27
C PRO A 54 2.05 -19.51 25.46
N GLN A 55 1.54 -19.98 26.59
CA GLN A 55 2.37 -20.19 27.77
C GLN A 55 3.26 -21.41 27.61
N THR A 56 2.76 -22.42 26.91
CA THR A 56 3.51 -23.64 26.68
C THR A 56 4.67 -23.42 25.70
N VAL A 57 4.38 -22.74 24.60
CA VAL A 57 5.40 -22.45 23.59
C VAL A 57 6.48 -21.54 24.17
N HIS A 58 6.06 -20.59 24.99
CA HIS A 58 6.98 -19.68 25.67
C HIS A 58 7.89 -20.44 26.63
N TYR A 59 7.39 -21.52 27.20
CA TYR A 59 8.17 -22.35 28.11
C TYR A 59 9.26 -23.09 27.36
N ILE A 60 8.92 -23.61 26.19
CA ILE A 60 9.89 -24.35 25.37
C ILE A 60 11.02 -23.44 24.90
N LEU A 61 10.66 -22.22 24.50
CA LEU A 61 11.63 -21.27 23.97
C LEU A 61 12.49 -20.64 25.06
N THR A 62 12.01 -20.69 26.30
CA THR A 62 12.74 -20.08 27.41
C THR A 62 13.37 -21.13 28.31
N HIS A 63 13.40 -22.37 27.82
CA HIS A 63 14.10 -23.45 28.53
C HIS A 63 14.88 -24.29 27.51
N PHE A 64 15.52 -25.35 28.00
CA PHE A 64 16.33 -26.24 27.17
C PHE A 64 17.46 -25.47 26.49
N LYS A 65 18.23 -24.74 27.30
CA LYS A 65 19.32 -23.90 26.82
C LYS A 65 20.33 -24.66 25.97
N GLY A 66 20.82 -25.78 26.49
CA GLY A 66 21.80 -26.59 25.79
C GLY A 66 21.30 -27.07 24.44
N VAL A 67 20.01 -27.35 24.36
CA VAL A 67 19.40 -27.80 23.11
C VAL A 67 19.37 -26.66 22.09
N TRP A 68 18.94 -25.48 22.53
CA TRP A 68 18.86 -24.32 21.65
C TRP A 68 20.24 -23.86 21.20
N ASN A 69 21.24 -24.02 22.08
CA ASN A 69 22.62 -23.68 21.73
C ASN A 69 23.13 -24.53 20.58
N ILE A 70 22.59 -25.74 20.46
CA ILE A 70 22.93 -26.61 19.33
C ILE A 70 22.15 -26.17 18.09
N VAL A 71 20.86 -25.90 18.27
CA VAL A 71 20.01 -25.45 17.19
C VAL A 71 20.49 -24.12 16.58
N ASN A 72 20.93 -23.21 17.45
CA ASN A 72 21.39 -21.91 17.01
C ASN A 72 22.67 -21.94 16.17
N ASN A 73 23.30 -23.11 16.10
CA ASN A 73 24.54 -23.26 15.33
C ASN A 73 24.36 -24.17 14.12
N VAL A 74 23.13 -24.57 13.85
CA VAL A 74 22.81 -25.33 12.65
C VAL A 74 21.93 -24.45 11.75
N PRO A 75 22.57 -23.76 10.78
CA PRO A 75 21.94 -22.77 9.89
C PRO A 75 20.63 -23.25 9.27
N PHE A 76 20.62 -24.48 8.77
CA PHE A 76 19.43 -25.05 8.15
C PHE A 76 18.28 -25.16 9.15
N LEU A 77 18.61 -25.60 10.36
CA LEU A 77 17.60 -25.83 11.39
C LEU A 77 17.14 -24.51 12.02
N ARG A 78 18.04 -23.54 12.09
CA ARG A 78 17.71 -22.24 12.63
C ARG A 78 16.77 -21.49 11.70
N SER A 79 17.06 -21.54 10.40
CA SER A 79 16.23 -20.89 9.40
C SER A 79 14.84 -21.50 9.38
N LEU A 80 14.78 -22.83 9.53
CA LEU A 80 13.53 -23.56 9.50
C LEU A 80 12.61 -23.14 10.64
N ILE A 81 13.19 -22.96 11.83
CA ILE A 81 12.42 -22.58 13.01
C ILE A 81 11.99 -21.11 12.93
N MET A 82 12.91 -20.25 12.49
CA MET A 82 12.57 -18.83 12.31
C MET A 82 11.47 -18.67 11.27
N LYS A 83 11.43 -19.58 10.31
CA LYS A 83 10.39 -19.59 9.30
C LYS A 83 9.02 -19.89 9.92
N TYR A 84 9.01 -20.80 10.89
CA TYR A 84 7.77 -21.15 11.57
C TYR A 84 7.28 -19.99 12.44
N VAL A 85 8.21 -19.33 13.12
CA VAL A 85 7.89 -18.18 13.95
C VAL A 85 7.19 -17.08 13.15
N LEU A 86 7.64 -16.91 11.91
CA LEU A 86 7.14 -15.84 11.05
C LEU A 86 5.80 -16.15 10.39
N THR A 87 5.36 -17.41 10.47
CA THR A 87 4.17 -17.84 9.74
C THR A 87 3.12 -18.56 10.60
N SER A 88 3.36 -18.64 11.90
CA SER A 88 2.52 -19.44 12.79
C SER A 88 1.20 -18.76 13.20
N ARG A 89 0.86 -17.67 12.53
CA ARG A 89 -0.39 -16.97 12.78
C ARG A 89 -0.70 -16.02 11.62
N PRO A 90 -0.87 -16.60 10.42
CA PRO A 90 -0.83 -15.85 9.16
C PRO A 90 -1.91 -14.76 9.00
N TYR A 91 -3.01 -14.88 9.73
CA TYR A 91 -4.13 -13.96 9.53
C TYR A 91 -4.59 -13.25 10.80
N LEU A 92 -3.69 -13.08 11.76
CA LEU A 92 -4.01 -12.31 12.95
C LEU A 92 -4.24 -10.83 12.62
N ILE A 93 -3.37 -10.28 11.78
CA ILE A 93 -3.47 -8.88 11.39
C ILE A 93 -4.16 -8.73 10.05
N ASP A 94 -5.18 -7.87 9.99
CA ASP A 94 -5.85 -7.55 8.74
C ASP A 94 -4.92 -6.78 7.81
N SER A 95 -4.67 -7.34 6.63
CA SER A 95 -3.79 -6.71 5.65
C SER A 95 -4.23 -7.09 4.24
N PRO A 96 -4.82 -6.14 3.48
CA PRO A 96 -5.10 -4.72 3.74
C PRO A 96 -5.96 -4.45 4.98
N PRO A 97 -5.72 -3.32 5.67
CA PRO A 97 -6.38 -2.95 6.92
C PRO A 97 -7.88 -2.70 6.76
N THR A 98 -8.60 -2.68 7.87
CA THR A 98 -10.05 -2.55 7.83
C THR A 98 -10.56 -1.32 8.59
N TYR A 99 -10.85 -1.50 9.88
CA TYR A 99 -11.54 -0.48 10.66
C TYR A 99 -10.62 0.63 11.17
N ASN A 100 -11.22 1.77 11.50
CA ASN A 100 -10.53 2.81 12.28
C ASN A 100 -11.51 3.42 13.29
N VAL A 101 -11.12 4.55 13.89
CA VAL A 101 -11.91 5.14 14.98
C VAL A 101 -13.29 5.61 14.52
N HIS A 102 -13.40 6.02 13.25
CA HIS A 102 -14.65 6.57 12.74
C HIS A 102 -15.46 5.53 11.96
N TYR A 103 -14.86 4.38 11.70
CA TYR A 103 -15.54 3.35 10.90
C TYR A 103 -15.46 1.98 11.56
N GLY A 104 -16.57 1.57 12.16
CA GLY A 104 -16.70 0.25 12.75
C GLY A 104 -17.14 -0.76 11.70
N TYR A 105 -17.30 -0.28 10.48
CA TYR A 105 -17.55 -1.13 9.33
C TYR A 105 -16.50 -0.81 8.27
N LYS A 106 -16.30 -1.72 7.32
CA LYS A 106 -15.32 -1.49 6.26
C LYS A 106 -15.84 -0.44 5.29
N SER A 107 -14.92 0.35 4.77
CA SER A 107 -15.25 1.43 3.84
C SER A 107 -14.00 1.85 3.07
N TRP A 108 -14.19 2.53 1.96
CA TRP A 108 -13.05 3.01 1.21
C TRP A 108 -12.35 4.14 1.95
N GLU A 109 -13.12 4.90 2.71
CA GLU A 109 -12.56 5.98 3.50
C GLU A 109 -11.59 5.44 4.55
N ALA A 110 -11.97 4.35 5.21
CA ALA A 110 -11.11 3.74 6.22
C ALA A 110 -9.85 3.17 5.59
N PHE A 111 -10.00 2.54 4.44
CA PHE A 111 -8.86 1.93 3.75
C PHE A 111 -7.90 2.96 3.16
N SER A 112 -8.43 3.99 2.52
CA SER A 112 -7.63 4.87 1.69
C SER A 112 -7.01 6.06 2.44
N ASN A 113 -7.56 6.38 3.61
CA ASN A 113 -7.10 7.56 4.34
C ASN A 113 -5.96 7.21 5.31
N LEU A 114 -4.74 7.59 4.94
CA LEU A 114 -3.55 7.21 5.69
C LEU A 114 -3.37 8.00 6.98
N SER A 115 -4.18 9.03 7.17
CA SER A 115 -4.09 9.85 8.39
C SER A 115 -4.65 9.12 9.61
N TYR A 116 -5.39 8.04 9.37
CA TYR A 116 -5.93 7.23 10.47
C TYR A 116 -4.95 6.16 10.93
N TYR A 117 -4.93 5.91 12.23
CA TYR A 117 -4.46 4.63 12.73
C TYR A 117 -5.52 3.60 12.36
N THR A 118 -5.12 2.41 11.94
CA THR A 118 -6.09 1.36 11.73
C THR A 118 -6.49 0.79 13.08
N ARG A 119 -7.44 -0.15 13.08
CA ARG A 119 -7.95 -0.72 14.33
C ARG A 119 -8.08 -2.24 14.23
N ALA A 120 -7.50 -2.94 15.21
CA ALA A 120 -7.60 -4.39 15.29
C ALA A 120 -9.04 -4.79 15.64
N LEU A 121 -9.68 -3.97 16.48
CA LEU A 121 -11.09 -4.12 16.77
C LEU A 121 -11.82 -2.81 16.51
N PRO A 122 -13.02 -2.89 15.93
CA PRO A 122 -13.81 -1.69 15.64
C PRO A 122 -14.26 -1.00 16.93
N PRO A 123 -14.48 0.32 16.87
CA PRO A 123 -14.91 1.06 18.05
C PRO A 123 -16.30 0.64 18.53
N VAL A 124 -16.55 0.75 19.83
CA VAL A 124 -17.88 0.55 20.37
C VAL A 124 -18.78 1.66 19.82
N ALA A 125 -19.97 1.30 19.36
CA ALA A 125 -20.89 2.27 18.77
C ALA A 125 -21.23 3.39 19.74
N ASP A 126 -21.56 4.56 19.20
CA ASP A 126 -21.77 5.76 20.01
C ASP A 126 -23.03 5.68 20.87
N ASP A 127 -24.02 4.93 20.41
CA ASP A 127 -25.31 4.89 21.10
C ASP A 127 -25.46 3.70 22.05
N CYS A 128 -24.34 3.05 22.36
CA CYS A 128 -24.37 1.92 23.30
C CYS A 128 -24.67 2.39 24.73
N PRO A 129 -25.44 1.58 25.48
CA PRO A 129 -25.86 1.94 26.84
C PRO A 129 -24.72 1.99 27.85
N THR A 130 -23.71 1.14 27.66
CA THR A 130 -22.52 1.17 28.52
C THR A 130 -21.27 1.42 27.66
N PRO A 131 -20.21 1.96 28.28
CA PRO A 131 -18.97 2.26 27.54
C PRO A 131 -18.38 1.08 26.80
N MET A 132 -18.52 -0.13 27.36
CA MET A 132 -17.92 -1.32 26.74
C MET A 132 -18.91 -2.10 25.88
N GLY A 133 -20.15 -1.60 25.81
CA GLY A 133 -21.18 -2.26 25.03
C GLY A 133 -22.49 -2.34 25.79
N VAL A 134 -22.71 -3.46 26.48
CA VAL A 134 -23.93 -3.63 27.28
C VAL A 134 -23.60 -4.06 28.71
N LYS A 135 -22.35 -4.44 28.94
CA LYS A 135 -21.90 -4.88 30.25
C LYS A 135 -21.32 -3.75 31.09
N GLY A 136 -21.31 -3.93 32.40
CA GLY A 136 -20.70 -2.95 33.30
C GLY A 136 -21.65 -1.84 33.68
N ASN A 137 -21.10 -0.80 34.32
CA ASN A 137 -21.90 0.34 34.75
C ASN A 137 -22.05 1.38 33.65
N LYS A 138 -22.88 2.39 33.92
CA LYS A 138 -23.12 3.47 32.96
C LYS A 138 -21.83 4.22 32.63
N GLU A 139 -20.95 4.34 33.62
CA GLU A 139 -19.68 5.00 33.43
C GLU A 139 -18.52 4.13 33.91
N LEU A 140 -17.42 4.16 33.17
CA LEU A 140 -16.19 3.54 33.60
C LEU A 140 -15.68 4.24 34.86
N PRO A 141 -14.90 3.54 35.69
CA PRO A 141 -14.35 4.18 36.89
C PRO A 141 -13.44 5.36 36.54
N ASP A 142 -13.33 6.31 37.47
CA ASP A 142 -12.45 7.46 37.28
C ASP A 142 -11.05 6.97 36.96
N SER A 143 -10.50 7.46 35.85
CA SER A 143 -9.17 7.05 35.41
C SER A 143 -8.11 7.49 36.43
N LYS A 144 -8.42 8.55 37.18
CA LYS A 144 -7.56 9.01 38.26
C LYS A 144 -7.48 7.96 39.37
N GLU A 145 -8.61 7.34 39.68
CA GLU A 145 -8.67 6.30 40.70
C GLU A 145 -7.93 5.04 40.24
N VAL A 146 -8.11 4.68 38.98
CA VAL A 146 -7.44 3.52 38.42
C VAL A 146 -5.93 3.74 38.44
N LEU A 147 -5.54 4.96 38.06
CA LEU A 147 -4.14 5.35 38.02
C LEU A 147 -3.47 5.29 39.39
N GLU A 148 -4.09 5.94 40.37
CA GLU A 148 -3.51 6.05 41.70
C GLU A 148 -3.45 4.71 42.44
N LYS A 149 -4.45 3.86 42.23
CA LYS A 149 -4.56 2.64 43.00
C LYS A 149 -3.67 1.50 42.50
N VAL A 150 -3.54 1.33 41.19
CA VAL A 150 -2.84 0.16 40.67
C VAL A 150 -1.77 0.47 39.60
N LEU A 151 -1.54 1.75 39.33
CA LEU A 151 -0.59 2.10 38.27
C LEU A 151 0.61 2.92 38.76
N LEU A 152 0.38 3.89 39.64
CA LEU A 152 1.45 4.77 40.08
C LEU A 152 2.51 4.01 40.86
N ARG A 153 3.76 4.39 40.62
CA ARG A 153 4.91 3.75 41.25
C ARG A 153 5.08 4.19 42.71
N ARG A 154 5.07 3.21 43.60
CA ARG A 154 5.45 3.47 44.99
C ARG A 154 6.97 3.36 45.07
N GLU A 155 7.45 2.14 45.25
CA GLU A 155 8.88 1.86 45.17
C GLU A 155 9.23 1.42 43.76
N PHE A 156 10.42 1.79 43.30
CA PHE A 156 10.85 1.43 41.96
C PHE A 156 10.98 -0.08 41.80
N ILE A 157 10.39 -0.60 40.73
CA ILE A 157 10.47 -2.03 40.45
C ILE A 157 11.30 -2.28 39.19
N PRO A 158 12.51 -2.82 39.36
CA PRO A 158 13.43 -3.05 38.25
C PRO A 158 13.00 -4.24 37.39
N ASP A 159 13.30 -4.16 36.10
CA ASP A 159 12.99 -5.25 35.19
C ASP A 159 13.82 -6.49 35.51
N PRO A 160 13.15 -7.61 35.81
CA PRO A 160 13.85 -8.88 36.06
C PRO A 160 14.62 -9.41 34.84
N GLN A 161 14.25 -8.95 33.64
CA GLN A 161 14.98 -9.34 32.44
C GLN A 161 16.22 -8.47 32.24
N GLY A 162 16.36 -7.46 33.09
CA GLY A 162 17.54 -6.62 33.09
C GLY A 162 17.65 -5.60 31.98
N SER A 163 16.52 -5.16 31.43
CA SER A 163 16.52 -4.13 30.40
C SER A 163 17.13 -2.83 30.92
N ASN A 164 17.95 -2.19 30.10
CA ASN A 164 18.64 -0.97 30.51
C ASN A 164 18.07 0.28 29.82
N MET A 165 18.71 1.42 30.03
CA MET A 165 18.22 2.66 29.45
C MET A 165 18.56 2.78 27.97
N MET A 166 19.54 2.00 27.51
CA MET A 166 19.83 1.91 26.08
C MET A 166 18.63 1.29 25.37
N PHE A 167 18.03 0.30 26.01
CA PHE A 167 16.85 -0.36 25.46
C PHE A 167 15.63 0.55 25.51
N ALA A 168 15.44 1.22 26.63
CA ALA A 168 14.28 2.06 26.84
C ALA A 168 14.25 3.22 25.85
N PHE A 169 15.40 3.85 25.64
CA PHE A 169 15.49 4.97 24.72
C PHE A 169 15.46 4.51 23.28
N PHE A 170 15.96 3.31 23.00
CA PHE A 170 15.86 2.75 21.66
C PHE A 170 14.39 2.52 21.33
N ALA A 171 13.65 1.97 22.29
CA ALA A 171 12.23 1.72 22.13
C ALA A 171 11.51 3.01 21.81
N GLN A 172 11.83 4.06 22.55
CA GLN A 172 11.19 5.36 22.34
C GLN A 172 11.57 5.92 20.98
N HIS A 173 12.85 5.87 20.66
CA HIS A 173 13.35 6.45 19.41
C HIS A 173 12.82 5.71 18.19
N PHE A 174 12.87 4.37 18.24
CA PHE A 174 12.46 3.56 17.10
C PHE A 174 10.96 3.68 16.83
N THR A 175 10.15 3.51 17.87
CA THR A 175 8.69 3.48 17.70
C THR A 175 8.09 4.83 17.34
N HIS A 176 8.79 5.91 17.67
CA HIS A 176 8.26 7.24 17.41
C HIS A 176 8.48 7.70 15.97
N GLN A 177 8.83 6.78 15.08
CA GLN A 177 8.82 7.07 13.66
C GLN A 177 7.49 6.67 13.06
N PHE A 178 6.78 5.75 13.71
CA PHE A 178 5.45 5.34 13.25
C PHE A 178 4.36 5.54 14.30
N PHE A 179 4.74 6.00 15.49
CA PHE A 179 3.76 6.49 16.47
C PHE A 179 3.87 8.01 16.57
N LYS A 180 3.20 8.71 15.66
CA LYS A 180 3.25 10.18 15.63
C LYS A 180 1.84 10.75 15.62
N THR A 181 1.20 10.75 16.78
CA THR A 181 -0.20 11.12 16.90
C THR A 181 -0.47 12.56 16.47
N ASP A 182 -1.45 12.73 15.58
CA ASP A 182 -1.88 14.05 15.13
C ASP A 182 -2.91 14.62 16.09
N HIS A 183 -2.45 15.28 17.15
CA HIS A 183 -3.34 15.81 18.17
C HIS A 183 -4.18 16.99 17.70
N LYS A 184 -3.90 17.50 16.50
CA LYS A 184 -4.75 18.50 15.87
C LYS A 184 -6.06 17.85 15.40
N ARG A 185 -6.02 16.55 15.16
CA ARG A 185 -7.19 15.80 14.69
C ARG A 185 -7.78 14.92 15.78
N GLY A 186 -6.91 14.30 16.57
CA GLY A 186 -7.36 13.42 17.63
C GLY A 186 -6.43 12.23 17.81
N PRO A 187 -6.66 11.46 18.88
CA PRO A 187 -5.79 10.32 19.23
C PRO A 187 -5.87 9.16 18.23
N GLY A 188 -6.88 9.16 17.37
CA GLY A 188 -7.03 8.11 16.38
C GLY A 188 -6.35 8.46 15.07
N PHE A 189 -5.57 9.55 15.05
CA PHE A 189 -4.92 10.02 13.85
C PHE A 189 -3.40 10.06 13.99
N THR A 190 -2.71 9.83 12.88
CA THR A 190 -1.26 9.81 12.88
C THR A 190 -0.67 10.77 11.85
N ARG A 191 0.57 11.21 12.12
CA ARG A 191 1.31 12.04 11.17
C ARG A 191 2.31 11.19 10.40
N GLY A 192 2.43 9.92 10.78
CA GLY A 192 3.33 8.99 10.12
C GLY A 192 2.64 8.29 8.95
N LEU A 193 2.60 8.96 7.81
CA LEU A 193 1.85 8.46 6.66
C LEU A 193 2.52 7.25 6.02
N GLY A 194 3.76 6.98 6.42
CA GLY A 194 4.49 5.82 5.92
C GLY A 194 4.06 4.54 6.60
N HIS A 195 3.48 4.67 7.79
CA HIS A 195 2.97 3.53 8.57
C HIS A 195 3.95 2.38 8.72
N GLY A 196 5.21 2.70 9.03
CA GLY A 196 6.22 1.67 9.22
C GLY A 196 7.62 2.21 9.38
N VAL A 197 8.60 1.37 9.10
CA VAL A 197 10.01 1.73 9.26
C VAL A 197 10.54 2.44 8.01
N ASP A 198 10.31 3.74 7.92
CA ASP A 198 10.82 4.52 6.79
C ASP A 198 11.94 5.45 7.23
N LEU A 199 12.21 5.46 8.53
CA LEU A 199 13.23 6.31 9.15
C LEU A 199 12.93 7.79 8.94
N ASN A 200 11.65 8.15 8.94
CA ASN A 200 11.26 9.54 8.81
C ASN A 200 11.71 10.34 10.03
N HIS A 201 11.94 9.65 11.15
CA HIS A 201 12.42 10.27 12.37
C HIS A 201 13.90 10.67 12.24
N ILE A 202 14.50 10.27 11.12
CA ILE A 202 15.87 10.68 10.81
C ILE A 202 15.87 11.65 9.63
N TYR A 203 15.11 11.32 8.59
CA TYR A 203 15.17 12.06 7.33
C TYR A 203 14.01 13.04 7.12
N GLY A 204 13.02 13.02 8.01
CA GLY A 204 11.87 13.89 7.86
C GLY A 204 10.71 13.25 7.14
N GLU A 205 9.49 13.56 7.58
CA GLU A 205 8.27 12.99 7.01
C GLU A 205 8.02 13.46 5.58
N THR A 206 8.40 14.70 5.28
CA THR A 206 8.17 15.28 3.96
C THR A 206 9.47 15.59 3.22
N LEU A 207 9.38 15.72 1.90
CA LEU A 207 10.54 15.95 1.07
C LEU A 207 11.17 17.31 1.34
N ASP A 208 10.31 18.27 1.64
CA ASP A 208 10.73 19.63 1.98
C ASP A 208 11.64 19.62 3.21
N ARG A 209 11.23 18.89 4.24
CA ARG A 209 11.99 18.78 5.48
C ARG A 209 13.29 18.00 5.24
N GLN A 210 13.21 16.96 4.42
CA GLN A 210 14.39 16.15 4.09
C GLN A 210 15.47 16.99 3.43
N HIS A 211 15.07 17.80 2.47
CA HIS A 211 16.01 18.63 1.71
C HIS A 211 16.65 19.72 2.57
N LYS A 212 15.96 20.13 3.63
CA LYS A 212 16.54 21.11 4.56
C LYS A 212 17.49 20.44 5.54
N LEU A 213 17.40 19.12 5.67
CA LEU A 213 18.30 18.37 6.54
C LEU A 213 19.52 17.83 5.80
N ARG A 214 19.50 17.90 4.47
CA ARG A 214 20.57 17.31 3.67
C ARG A 214 21.66 18.31 3.28
N LEU A 215 22.87 17.79 3.14
CA LEU A 215 24.02 18.59 2.78
C LEU A 215 24.11 18.76 1.26
N PHE A 216 23.49 17.83 0.54
CA PHE A 216 23.56 17.75 -0.91
C PHE A 216 25.01 17.65 -1.40
N LYS A 217 25.85 17.07 -0.56
CA LYS A 217 27.20 16.69 -0.94
C LYS A 217 27.47 15.28 -0.41
N ASP A 218 27.93 14.39 -1.31
CA ASP A 218 28.25 13.01 -0.96
C ASP A 218 27.08 12.23 -0.34
N GLY A 219 25.85 12.71 -0.56
CA GLY A 219 24.67 12.05 -0.04
C GLY A 219 24.47 12.18 1.45
N LYS A 220 25.19 13.11 2.08
CA LYS A 220 25.21 13.17 3.54
C LYS A 220 24.14 14.07 4.13
N LEU A 221 23.95 13.94 5.44
CA LEU A 221 23.07 14.82 6.19
C LEU A 221 23.89 15.99 6.76
N LYS A 222 23.24 17.15 6.90
CA LYS A 222 23.88 18.30 7.53
C LYS A 222 24.26 17.98 8.97
N TYR A 223 25.34 18.60 9.44
CA TYR A 223 25.82 18.38 10.79
C TYR A 223 26.61 19.58 11.29
N GLN A 224 26.84 19.62 12.60
CA GLN A 224 27.71 20.63 13.20
C GLN A 224 28.79 19.93 14.00
N VAL A 225 29.85 20.65 14.33
CA VAL A 225 30.94 20.09 15.13
C VAL A 225 31.11 20.87 16.43
N ILE A 226 30.87 20.20 17.55
CA ILE A 226 31.03 20.81 18.86
C ILE A 226 32.10 20.07 19.67
N GLY A 227 33.22 20.75 19.89
CA GLY A 227 34.34 20.16 20.61
C GLY A 227 34.89 18.94 19.92
N GLY A 228 34.91 18.98 18.58
CA GLY A 228 35.45 17.88 17.80
C GLY A 228 34.48 16.72 17.61
N GLU A 229 33.26 16.90 18.11
CA GLU A 229 32.23 15.86 18.03
C GLU A 229 31.12 16.26 17.06
N VAL A 230 30.65 15.28 16.29
CA VAL A 230 29.59 15.53 15.30
C VAL A 230 28.20 15.44 15.93
N TYR A 231 27.43 16.50 15.80
CA TYR A 231 26.06 16.54 16.30
C TYR A 231 25.11 17.01 15.19
N PRO A 232 23.81 16.75 15.36
CA PRO A 232 22.81 17.29 14.42
C PRO A 232 22.89 18.81 14.31
N PRO A 233 22.50 19.35 13.13
CA PRO A 233 22.52 20.80 12.90
C PRO A 233 21.46 21.52 13.72
N THR A 234 21.48 22.85 13.69
CA THR A 234 20.53 23.64 14.47
C THR A 234 19.29 24.03 13.66
N VAL A 235 18.25 24.46 14.37
CA VAL A 235 17.05 25.00 13.74
C VAL A 235 17.37 26.22 12.89
N LYS A 236 18.24 27.09 13.41
CA LYS A 236 18.62 28.31 12.72
C LYS A 236 19.37 28.03 11.42
N ASP A 237 20.08 26.92 11.36
CA ASP A 237 20.89 26.58 10.18
C ASP A 237 20.07 25.93 9.09
N THR A 238 19.09 25.12 9.49
CA THR A 238 18.35 24.31 8.53
C THR A 238 16.95 24.86 8.25
N GLN A 239 16.47 25.75 9.11
CA GLN A 239 15.10 26.25 9.06
C GLN A 239 14.11 25.09 9.22
N VAL A 240 14.55 24.04 9.90
CA VAL A 240 13.70 22.90 10.19
C VAL A 240 12.90 23.14 11.48
N GLU A 241 11.58 23.02 11.40
CA GLU A 241 10.73 23.22 12.57
C GLU A 241 10.93 22.12 13.61
N MET A 242 11.23 22.55 14.84
CA MET A 242 11.37 21.64 15.97
C MET A 242 10.52 22.14 17.13
N ILE A 243 10.12 21.22 18.00
CA ILE A 243 9.34 21.60 19.18
C ILE A 243 10.26 21.82 20.38
N TYR A 244 10.40 23.08 20.76
CA TYR A 244 11.23 23.45 21.90
C TYR A 244 10.53 24.50 22.75
N PRO A 245 10.66 24.40 24.08
CA PRO A 245 10.20 25.49 24.95
C PRO A 245 11.02 26.75 24.68
N PRO A 246 10.42 27.93 24.83
CA PRO A 246 11.02 29.22 24.46
C PRO A 246 12.36 29.53 25.14
N HIS A 247 12.64 28.91 26.29
CA HIS A 247 13.85 29.26 27.04
C HIS A 247 15.09 28.55 26.49
N ILE A 248 14.91 27.69 25.49
CA ILE A 248 16.03 26.98 24.89
C ILE A 248 16.82 27.87 23.93
N PRO A 249 18.14 28.01 24.17
CA PRO A 249 19.04 28.76 23.30
C PRO A 249 19.06 28.19 21.89
N GLU A 250 19.26 29.04 20.88
CA GLU A 250 19.19 28.60 19.49
C GLU A 250 20.30 27.61 19.15
N ASN A 251 21.42 27.67 19.86
CA ASN A 251 22.54 26.78 19.60
C ASN A 251 22.30 25.39 20.20
N LEU A 252 21.26 25.27 21.01
CA LEU A 252 20.88 23.98 21.60
C LEU A 252 19.60 23.43 20.96
N GLN A 253 19.10 24.12 19.95
CA GLN A 253 17.93 23.65 19.22
C GLN A 253 18.37 22.77 18.05
N PHE A 254 18.75 21.54 18.38
CA PHE A 254 19.15 20.57 17.36
C PHE A 254 17.97 20.21 16.47
N ALA A 255 18.24 20.05 15.17
CA ALA A 255 17.20 19.74 14.20
C ALA A 255 17.35 18.35 13.64
N VAL A 256 16.35 17.50 13.86
CA VAL A 256 16.37 16.14 13.33
C VAL A 256 15.04 15.84 12.65
N GLY A 257 14.92 14.64 12.10
CA GLY A 257 13.72 14.24 11.37
C GLY A 257 12.45 14.36 12.16
N GLN A 258 12.47 13.85 13.40
CA GLN A 258 11.32 13.92 14.29
C GLN A 258 11.34 15.22 15.10
N GLU A 259 10.27 15.99 14.99
CA GLU A 259 10.21 17.33 15.58
C GLU A 259 10.21 17.34 17.12
N VAL A 260 10.00 16.18 17.74
CA VAL A 260 9.91 16.14 19.20
C VAL A 260 11.13 15.52 19.89
N PHE A 261 12.15 15.14 19.12
CA PHE A 261 13.30 14.45 19.70
C PHE A 261 14.20 15.36 20.53
N GLY A 262 13.90 16.65 20.56
CA GLY A 262 14.61 17.56 21.45
C GLY A 262 14.10 17.47 22.88
N LEU A 263 13.00 16.74 23.06
CA LEU A 263 12.36 16.58 24.37
C LEU A 263 13.24 15.90 25.39
N VAL A 264 13.86 14.78 25.01
CA VAL A 264 14.74 14.07 25.93
C VAL A 264 16.10 13.83 25.29
N PRO A 265 17.18 14.02 26.08
CA PRO A 265 18.56 13.81 25.63
C PRO A 265 18.84 12.37 25.23
N GLY A 266 18.06 11.43 25.77
CA GLY A 266 18.19 10.04 25.40
C GLY A 266 17.79 9.81 23.95
N LEU A 267 16.88 10.64 23.46
CA LEU A 267 16.46 10.58 22.07
C LEU A 267 17.47 11.25 21.15
N MET A 268 18.06 12.35 21.63
CA MET A 268 19.09 13.05 20.86
C MET A 268 20.37 12.22 20.76
N MET A 269 20.57 11.34 21.72
CA MET A 269 21.69 10.41 21.66
C MET A 269 21.57 9.52 20.42
N TYR A 270 20.43 8.85 20.27
CA TYR A 270 20.22 7.96 19.13
C TYR A 270 20.10 8.74 17.83
N ALA A 271 19.54 9.94 17.89
CA ALA A 271 19.43 10.80 16.74
C ALA A 271 20.81 11.18 16.20
N THR A 272 21.75 11.40 17.12
CA THR A 272 23.13 11.71 16.76
C THR A 272 23.83 10.47 16.21
N ILE A 273 23.62 9.35 16.87
CA ILE A 273 24.22 8.08 16.47
C ILE A 273 23.79 7.67 15.05
N TRP A 274 22.50 7.81 14.76
CA TRP A 274 21.98 7.43 13.45
C TRP A 274 22.41 8.40 12.35
N LEU A 275 22.54 9.67 12.70
CA LEU A 275 23.01 10.67 11.75
C LEU A 275 24.45 10.36 11.35
N ARG A 276 25.27 10.00 12.33
CA ARG A 276 26.64 9.60 12.08
C ARG A 276 26.70 8.36 11.20
N GLU A 277 25.79 7.43 11.46
CA GLU A 277 25.76 6.17 10.71
C GLU A 277 25.42 6.41 9.25
N HIS A 278 24.49 7.34 9.00
CA HIS A 278 24.13 7.68 7.63
C HIS A 278 25.33 8.21 6.87
N ASN A 279 26.01 9.18 7.46
CA ASN A 279 27.17 9.80 6.83
C ASN A 279 28.35 8.82 6.73
N ARG A 280 28.40 7.86 7.64
CA ARG A 280 29.41 6.82 7.60
C ARG A 280 29.20 5.89 6.41
N VAL A 281 27.95 5.54 6.15
CA VAL A 281 27.62 4.66 5.04
C VAL A 281 27.85 5.37 3.70
N CYS A 282 27.59 6.68 3.67
CA CYS A 282 27.87 7.49 2.49
C CYS A 282 29.35 7.43 2.13
N ASP A 283 30.22 7.47 3.14
CA ASP A 283 31.65 7.36 2.91
C ASP A 283 31.99 5.99 2.31
N ILE A 284 31.38 4.94 2.83
CA ILE A 284 31.60 3.60 2.32
C ILE A 284 31.13 3.48 0.88
N LEU A 285 29.91 3.96 0.62
CA LEU A 285 29.32 3.87 -0.71
C LEU A 285 30.08 4.69 -1.75
N LYS A 286 30.62 5.82 -1.33
CA LYS A 286 31.36 6.70 -2.22
C LYS A 286 32.66 6.04 -2.65
N GLN A 287 33.20 5.21 -1.76
CA GLN A 287 34.43 4.49 -2.04
C GLN A 287 34.18 3.34 -3.01
N GLU A 288 32.97 2.79 -2.96
CA GLU A 288 32.59 1.72 -3.86
C GLU A 288 32.09 2.29 -5.19
N HIS A 289 31.59 3.51 -5.15
CA HIS A 289 31.02 4.14 -6.34
C HIS A 289 31.46 5.59 -6.50
N PRO A 290 32.69 5.79 -6.99
CA PRO A 290 33.18 7.17 -7.21
C PRO A 290 32.35 7.87 -8.27
N GLU A 291 31.64 7.09 -9.09
CA GLU A 291 30.87 7.63 -10.20
C GLU A 291 29.47 8.05 -9.78
N TRP A 292 29.07 7.73 -8.55
CA TRP A 292 27.74 8.07 -8.07
C TRP A 292 27.62 9.53 -7.66
N GLY A 293 26.43 10.10 -7.86
CA GLY A 293 26.15 11.46 -7.47
C GLY A 293 25.57 11.52 -6.06
N ASP A 294 25.26 12.72 -5.62
CA ASP A 294 24.76 12.94 -4.26
C ASP A 294 23.44 12.22 -4.01
N GLU A 295 22.51 12.32 -4.97
CA GLU A 295 21.17 11.79 -4.77
C GLU A 295 21.15 10.28 -4.55
N GLN A 296 21.84 9.54 -5.40
CA GLN A 296 21.88 8.08 -5.30
C GLN A 296 22.60 7.66 -4.02
N LEU A 297 23.65 8.39 -3.65
CA LEU A 297 24.37 8.13 -2.41
C LEU A 297 23.44 8.27 -1.21
N PHE A 298 22.63 9.31 -1.21
CA PHE A 298 21.70 9.54 -0.10
C PHE A 298 20.63 8.45 -0.03
N GLN A 299 20.01 8.14 -1.16
CA GLN A 299 18.91 7.19 -1.20
C GLN A 299 19.37 5.80 -0.80
N THR A 300 20.51 5.38 -1.35
CA THR A 300 21.04 4.06 -1.06
C THR A 300 21.43 3.93 0.41
N SER A 301 21.99 5.01 0.96
CA SER A 301 22.31 5.05 2.38
C SER A 301 21.06 4.91 3.24
N ARG A 302 19.95 5.51 2.79
CA ARG A 302 18.68 5.41 3.51
C ARG A 302 18.16 3.98 3.53
N LEU A 303 18.18 3.32 2.38
CA LEU A 303 17.74 1.94 2.27
C LEU A 303 18.57 1.01 3.15
N ILE A 304 19.87 1.23 3.17
CA ILE A 304 20.77 0.46 4.02
C ILE A 304 20.45 0.66 5.50
N LEU A 305 20.22 1.92 5.89
CA LEU A 305 19.91 2.21 7.30
C LEU A 305 18.54 1.64 7.69
N ILE A 306 17.60 1.63 6.76
CA ILE A 306 16.32 0.96 6.97
C ILE A 306 16.57 -0.53 7.23
N GLY A 307 17.44 -1.12 6.43
CA GLY A 307 17.83 -2.51 6.62
C GLY A 307 18.52 -2.76 7.94
N GLU A 308 19.41 -1.85 8.33
CA GLU A 308 20.11 -1.96 9.62
C GLU A 308 19.13 -1.95 10.77
N THR A 309 18.13 -1.07 10.68
CA THR A 309 17.16 -0.91 11.76
C THR A 309 16.34 -2.19 11.96
N ILE A 310 15.79 -2.71 10.88
CA ILE A 310 15.02 -3.96 10.94
C ILE A 310 15.91 -5.09 11.46
N LYS A 311 17.15 -5.13 11.01
CA LYS A 311 18.11 -6.14 11.46
C LYS A 311 18.30 -6.09 12.97
N ILE A 312 18.52 -4.88 13.48
CA ILE A 312 18.76 -4.68 14.91
C ILE A 312 17.52 -4.95 15.76
N VAL A 313 16.37 -4.45 15.30
CA VAL A 313 15.12 -4.62 16.04
C VAL A 313 14.79 -6.10 16.22
N ILE A 314 15.02 -6.90 15.20
CA ILE A 314 14.71 -8.32 15.26
C ILE A 314 15.75 -9.10 16.09
N GLU A 315 17.02 -8.90 15.80
CA GLU A 315 18.06 -9.77 16.36
C GLU A 315 18.66 -9.26 17.67
N ASP A 316 18.39 -8.01 18.02
CA ASP A 316 18.88 -7.48 19.29
C ASP A 316 17.72 -7.06 20.20
N TYR A 317 16.79 -6.29 19.64
CA TYR A 317 15.72 -5.67 20.39
C TYR A 317 14.64 -6.68 20.78
N VAL A 318 14.00 -7.28 19.78
CA VAL A 318 12.95 -8.27 20.03
C VAL A 318 13.56 -9.51 20.69
N GLN A 319 14.78 -9.85 20.30
CA GLN A 319 15.51 -10.96 20.90
C GLN A 319 15.62 -10.78 22.42
N HIS A 320 15.96 -9.57 22.85
CA HIS A 320 16.05 -9.27 24.28
C HIS A 320 14.68 -9.33 24.96
N LEU A 321 13.67 -8.76 24.32
CA LEU A 321 12.31 -8.78 24.84
C LEU A 321 11.77 -10.19 24.99
N SER A 322 12.00 -11.03 23.98
CA SER A 322 11.44 -12.38 23.97
C SER A 322 11.94 -13.22 25.14
N GLY A 323 13.22 -13.10 25.45
CA GLY A 323 13.83 -13.91 26.49
C GLY A 323 14.09 -15.32 26.00
N TYR A 324 13.98 -15.52 24.68
CA TYR A 324 14.19 -16.84 24.10
C TYR A 324 15.66 -17.20 24.08
N HIS A 325 15.95 -18.50 24.18
CA HIS A 325 17.31 -18.99 24.00
C HIS A 325 17.57 -19.20 22.52
N PHE A 326 16.49 -19.25 21.74
CA PHE A 326 16.59 -19.33 20.29
C PHE A 326 16.93 -17.97 19.70
N LYS A 327 17.96 -17.93 18.86
CA LYS A 327 18.39 -16.70 18.21
C LYS A 327 17.50 -16.36 17.02
N LEU A 328 16.69 -15.32 17.18
CA LEU A 328 15.86 -14.84 16.08
C LEU A 328 16.74 -14.40 14.91
N LYS A 329 16.20 -14.47 13.70
CA LYS A 329 16.98 -14.18 12.51
C LYS A 329 16.22 -13.28 11.55
N PHE A 330 16.89 -12.23 11.09
CA PHE A 330 16.34 -11.38 10.04
C PHE A 330 16.74 -11.95 8.69
N ASP A 331 15.76 -12.49 7.97
CA ASP A 331 16.00 -13.10 6.68
C ASP A 331 14.73 -13.13 5.84
N PRO A 332 14.51 -12.07 5.04
CA PRO A 332 13.33 -11.92 4.18
C PRO A 332 13.08 -13.11 3.25
N GLU A 333 14.11 -13.88 2.93
CA GLU A 333 13.97 -15.02 2.03
C GLU A 333 13.10 -16.13 2.61
N LEU A 334 12.94 -16.14 3.94
CA LEU A 334 12.09 -17.12 4.61
C LEU A 334 10.61 -16.93 4.28
N LEU A 335 10.26 -15.78 3.69
CA LEU A 335 8.87 -15.48 3.38
C LEU A 335 8.58 -15.44 1.88
N PHE A 336 9.59 -15.78 1.07
CA PHE A 336 9.43 -15.69 -0.38
C PHE A 336 8.48 -16.75 -0.93
N ASN A 337 8.48 -17.92 -0.30
CA ASN A 337 7.57 -18.99 -0.73
C ASN A 337 6.32 -19.05 0.13
N GLN A 338 6.02 -17.94 0.80
CA GLN A 338 4.90 -17.86 1.72
C GLN A 338 3.88 -16.82 1.29
N GLN A 339 2.65 -16.97 1.77
CA GLN A 339 1.62 -15.97 1.57
C GLN A 339 1.83 -14.84 2.58
N PHE A 340 2.23 -13.67 2.09
CA PHE A 340 2.51 -12.55 2.98
C PHE A 340 2.35 -11.24 2.23
N GLN A 341 1.73 -10.26 2.88
CA GLN A 341 1.51 -8.96 2.28
C GLN A 341 2.60 -7.97 2.68
N TYR A 342 3.40 -7.54 1.71
CA TYR A 342 4.44 -6.54 1.96
C TYR A 342 3.83 -5.15 2.02
N GLN A 343 3.03 -4.93 3.07
CA GLN A 343 2.42 -3.64 3.34
C GLN A 343 2.05 -3.61 4.82
N ASN A 344 1.86 -2.42 5.37
CA ASN A 344 1.53 -2.30 6.78
C ASN A 344 0.70 -1.05 7.05
N ARG A 345 -0.18 -1.15 8.04
CA ARG A 345 -0.92 0.00 8.53
C ARG A 345 -0.89 -0.04 10.05
N ILE A 346 -0.40 1.03 10.67
CA ILE A 346 -0.19 1.04 12.10
C ILE A 346 -1.51 1.07 12.87
N ALA A 347 -1.68 0.10 13.78
CA ALA A 347 -2.90 -0.01 14.56
C ALA A 347 -2.87 0.90 15.78
N SER A 348 -4.03 1.51 16.07
CA SER A 348 -4.19 2.34 17.25
C SER A 348 -3.86 1.58 18.53
N GLU A 349 -4.24 0.31 18.59
CA GLU A 349 -3.98 -0.51 19.77
C GLU A 349 -2.51 -0.89 19.89
N PHE A 350 -1.79 -0.87 18.77
CA PHE A 350 -0.35 -1.14 18.79
C PHE A 350 0.36 0.03 19.45
N ASN A 351 -0.12 1.24 19.16
CA ASN A 351 0.36 2.45 19.82
C ASN A 351 0.03 2.43 21.30
N THR A 352 -1.20 2.08 21.64
CA THR A 352 -1.66 2.09 23.02
C THR A 352 -0.88 1.12 23.91
N LEU A 353 -0.65 -0.09 23.42
CA LEU A 353 0.09 -1.09 24.21
C LEU A 353 1.57 -0.73 24.35
N TYR A 354 2.06 0.17 23.49
CA TYR A 354 3.47 0.53 23.50
C TYR A 354 3.75 1.71 24.41
N HIS A 355 2.74 2.13 25.17
CA HIS A 355 2.93 3.19 26.16
C HIS A 355 3.61 2.63 27.40
N TRP A 356 4.87 2.24 27.24
CA TRP A 356 5.64 1.59 28.30
C TRP A 356 6.23 2.60 29.29
N HIS A 357 5.36 3.38 29.91
CA HIS A 357 5.79 4.36 30.91
C HIS A 357 6.54 3.76 32.12
N PRO A 358 6.13 2.57 32.61
CA PRO A 358 6.88 2.01 33.75
C PRO A 358 8.36 1.73 33.46
N LEU A 359 8.73 1.70 32.18
CA LEU A 359 10.10 1.46 31.78
C LEU A 359 11.04 2.57 32.29
N LEU A 360 10.49 3.77 32.44
CA LEU A 360 11.29 4.93 32.87
C LEU A 360 11.71 4.84 34.34
N PRO A 361 12.94 5.25 34.64
CA PRO A 361 13.48 5.23 36.00
C PRO A 361 13.05 6.46 36.80
N ASP A 362 13.48 6.55 38.05
CA ASP A 362 13.15 7.69 38.91
C ASP A 362 14.08 8.87 38.60
N THR A 363 15.35 8.55 38.37
CA THR A 363 16.32 9.54 37.92
C THR A 363 17.12 8.97 36.76
N PHE A 364 17.77 9.84 35.99
CA PHE A 364 18.58 9.41 34.88
C PHE A 364 20.05 9.51 35.25
N ASN A 365 20.68 8.37 35.50
CA ASN A 365 22.02 8.33 36.05
C ASN A 365 23.10 8.34 34.97
N ILE A 366 23.72 9.50 34.79
CA ILE A 366 24.81 9.64 33.83
C ILE A 366 26.11 9.99 34.53
N GLU A 367 27.12 9.15 34.34
CA GLU A 367 28.43 9.30 34.98
C GLU A 367 28.28 9.36 36.50
N ASP A 368 28.40 10.55 37.07
CA ASP A 368 28.29 10.71 38.52
C ASP A 368 27.01 11.43 38.93
N GLN A 369 26.26 11.90 37.95
CA GLN A 369 25.07 12.71 38.22
C GLN A 369 23.79 11.89 38.20
N GLU A 370 22.81 12.31 39.00
CA GLU A 370 21.48 11.71 38.98
C GLU A 370 20.44 12.78 38.67
N TYR A 371 20.11 12.92 37.38
CA TYR A 371 19.20 13.96 36.94
C TYR A 371 17.74 13.57 37.15
N SER A 372 16.95 14.49 37.69
CA SER A 372 15.53 14.30 37.80
C SER A 372 14.87 14.53 36.44
N PHE A 373 13.56 14.26 36.35
CA PHE A 373 12.84 14.48 35.12
C PHE A 373 12.89 15.95 34.70
N LYS A 374 12.70 16.84 35.68
CA LYS A 374 12.72 18.27 35.44
C LYS A 374 14.07 18.71 34.87
N GLN A 375 15.13 18.20 35.48
CA GLN A 375 16.49 18.52 35.05
C GLN A 375 16.83 17.94 33.69
N PHE A 376 16.21 16.81 33.36
CA PHE A 376 16.57 16.04 32.17
C PHE A 376 15.84 16.49 30.92
N LEU A 377 14.55 16.78 31.04
CA LEU A 377 13.71 17.13 29.88
C LEU A 377 14.20 18.39 29.17
N TYR A 378 14.26 18.30 27.84
CA TYR A 378 14.67 19.41 26.98
C TYR A 378 16.03 19.99 27.34
N ASN A 379 16.87 19.19 27.98
CA ASN A 379 18.18 19.65 28.42
C ASN A 379 19.31 18.93 27.70
N ASN A 380 19.59 19.35 26.47
CA ASN A 380 20.64 18.73 25.66
C ASN A 380 22.04 19.18 26.07
N SER A 381 22.13 20.12 27.01
CA SER A 381 23.41 20.49 27.60
C SER A 381 24.04 19.29 28.29
N ILE A 382 23.19 18.45 28.88
CA ILE A 382 23.61 17.21 29.52
C ILE A 382 24.34 16.31 28.52
N LEU A 383 23.82 16.27 27.30
CA LEU A 383 24.43 15.47 26.25
C LEU A 383 25.78 16.05 25.84
N LEU A 384 25.84 17.37 25.71
CA LEU A 384 27.08 18.05 25.33
C LEU A 384 28.10 18.02 26.46
N GLU A 385 27.62 17.95 27.69
CA GLU A 385 28.51 17.97 28.84
C GLU A 385 29.20 16.62 29.05
N HIS A 386 28.45 15.53 28.87
CA HIS A 386 28.98 14.21 29.13
C HIS A 386 29.53 13.56 27.86
N GLY A 387 28.86 13.79 26.74
CA GLY A 387 29.26 13.19 25.48
C GLY A 387 28.56 11.86 25.24
N LEU A 388 28.62 11.37 24.00
CA LEU A 388 27.93 10.14 23.63
C LEU A 388 28.51 8.91 24.32
N THR A 389 29.82 8.92 24.54
CA THR A 389 30.50 7.78 25.14
C THR A 389 30.02 7.53 26.56
N GLN A 390 29.96 8.60 27.35
CA GLN A 390 29.46 8.52 28.72
C GLN A 390 27.98 8.16 28.76
N PHE A 391 27.21 8.69 27.81
CA PHE A 391 25.78 8.38 27.70
C PHE A 391 25.57 6.88 27.49
N VAL A 392 26.31 6.31 26.55
CA VAL A 392 26.18 4.89 26.25
C VAL A 392 26.63 4.03 27.44
N GLU A 393 27.78 4.37 28.01
CA GLU A 393 28.31 3.60 29.13
C GLU A 393 27.39 3.64 30.34
N SER A 394 26.78 4.79 30.58
CA SER A 394 25.90 4.96 31.74
C SER A 394 24.54 4.31 31.53
N PHE A 395 23.97 4.49 30.34
CA PHE A 395 22.65 3.94 30.06
C PHE A 395 22.69 2.42 29.90
N THR A 396 23.86 1.89 29.56
CA THR A 396 24.05 0.45 29.51
C THR A 396 24.02 -0.13 30.92
N ARG A 397 24.49 0.64 31.89
CA ARG A 397 24.53 0.21 33.28
C ARG A 397 23.20 0.38 34.02
N GLN A 398 22.48 1.45 33.72
CA GLN A 398 21.25 1.77 34.46
C GLN A 398 20.08 0.90 34.03
N ILE A 399 19.47 0.21 35.00
CA ILE A 399 18.37 -0.70 34.73
C ILE A 399 17.04 0.05 34.54
N ALA A 400 16.18 -0.49 33.69
CA ALA A 400 14.86 0.09 33.46
C ALA A 400 13.80 -0.59 34.34
N GLY A 401 12.59 -0.06 34.31
CA GLY A 401 11.53 -0.57 35.16
C GLY A 401 10.71 -1.67 34.50
N ARG A 402 10.05 -2.47 35.33
CA ARG A 402 9.19 -3.54 34.85
C ARG A 402 7.86 -2.96 34.37
N VAL A 403 7.40 -3.39 33.20
CA VAL A 403 6.21 -2.80 32.59
C VAL A 403 4.93 -3.41 33.14
N ALA A 404 4.86 -4.74 33.16
CA ALA A 404 3.74 -5.43 33.77
C ALA A 404 3.94 -5.54 35.28
N GLY A 405 2.93 -6.04 35.99
CA GLY A 405 3.03 -6.25 37.42
C GLY A 405 2.30 -5.20 38.25
N GLY A 406 2.07 -4.04 37.66
CA GLY A 406 1.34 -2.99 38.32
C GLY A 406 2.19 -2.05 39.15
N ARG A 407 1.66 -0.85 39.39
CA ARG A 407 2.25 0.12 40.31
C ARG A 407 3.73 0.41 40.05
N ASN A 408 4.07 0.70 38.81
CA ASN A 408 5.45 1.04 38.48
C ASN A 408 5.54 2.21 37.49
N VAL A 409 4.44 2.95 37.34
CA VAL A 409 4.46 4.18 36.54
C VAL A 409 4.99 5.34 37.37
N PRO A 410 6.10 5.94 36.94
CA PRO A 410 6.70 7.05 37.70
C PRO A 410 5.73 8.23 37.84
N ILE A 411 5.78 8.90 38.99
CA ILE A 411 4.88 10.01 39.30
C ILE A 411 5.05 11.17 38.32
N ALA A 412 6.26 11.32 37.78
CA ALA A 412 6.56 12.39 36.84
C ALA A 412 5.66 12.38 35.61
N VAL A 413 5.43 11.21 35.05
CA VAL A 413 4.63 11.08 33.83
C VAL A 413 3.21 10.64 34.16
N GLN A 414 2.72 11.08 35.31
CA GLN A 414 1.38 10.74 35.79
C GLN A 414 0.27 11.14 34.82
N ALA A 415 0.35 12.37 34.30
CA ALA A 415 -0.67 12.88 33.41
C ALA A 415 -0.69 12.13 32.08
N VAL A 416 0.49 11.68 31.65
CA VAL A 416 0.62 10.94 30.40
C VAL A 416 -0.07 9.58 30.51
N ALA A 417 0.08 8.94 31.66
CA ALA A 417 -0.53 7.65 31.90
C ALA A 417 -2.05 7.77 31.96
N LYS A 418 -2.53 8.83 32.61
CA LYS A 418 -3.96 9.09 32.68
C LYS A 418 -4.52 9.42 31.29
N ALA A 419 -3.70 10.07 30.46
CA ALA A 419 -4.08 10.38 29.09
C ALA A 419 -4.26 9.12 28.24
N SER A 420 -3.41 8.12 28.47
CA SER A 420 -3.50 6.86 27.75
C SER A 420 -4.84 6.18 28.04
N ILE A 421 -5.25 6.21 29.30
CA ILE A 421 -6.54 5.65 29.68
C ILE A 421 -7.69 6.46 29.08
N ASP A 422 -7.62 7.77 29.23
CA ASP A 422 -8.69 8.66 28.76
C ASP A 422 -8.85 8.61 27.25
N GLN A 423 -7.74 8.60 26.52
CA GLN A 423 -7.80 8.58 25.07
C GLN A 423 -8.27 7.23 24.54
N SER A 424 -7.97 6.17 25.28
CA SER A 424 -8.49 4.84 24.93
C SER A 424 -10.02 4.84 24.98
N ARG A 425 -10.58 5.48 26.00
CA ARG A 425 -12.02 5.59 26.14
C ARG A 425 -12.59 6.54 25.08
N GLU A 426 -11.82 7.58 24.79
CA GLU A 426 -12.22 8.57 23.79
C GLU A 426 -12.35 7.90 22.42
N MET A 427 -11.42 6.98 22.13
CA MET A 427 -11.42 6.25 20.88
C MET A 427 -12.35 5.04 20.92
N LYS A 428 -13.09 4.92 22.02
CA LYS A 428 -14.09 3.87 22.19
C LYS A 428 -13.53 2.45 22.05
N TYR A 429 -12.41 2.20 22.71
CA TYR A 429 -11.81 0.86 22.74
C TYR A 429 -12.76 -0.17 23.34
N GLN A 430 -12.77 -1.37 22.77
CA GLN A 430 -13.47 -2.50 23.39
C GLN A 430 -12.67 -3.00 24.59
N SER A 431 -13.29 -3.89 25.37
CA SER A 431 -12.69 -4.33 26.64
C SER A 431 -11.45 -5.19 26.44
N LEU A 432 -10.78 -5.49 27.56
CA LEU A 432 -9.60 -6.35 27.55
C LEU A 432 -9.90 -7.74 26.97
N ASN A 433 -10.97 -8.36 27.47
CA ASN A 433 -11.33 -9.73 27.06
C ASN A 433 -11.71 -9.84 25.58
N GLU A 434 -12.29 -8.78 25.03
CA GLU A 434 -12.60 -8.75 23.61
C GLU A 434 -11.31 -8.80 22.80
N TYR A 435 -10.30 -8.06 23.25
CA TYR A 435 -9.02 -8.02 22.56
C TYR A 435 -8.25 -9.33 22.72
N ARG A 436 -8.45 -9.99 23.85
CA ARG A 436 -7.84 -11.29 24.08
C ARG A 436 -8.45 -12.34 23.15
N LYS A 437 -9.78 -12.37 23.08
CA LYS A 437 -10.48 -13.27 22.16
C LYS A 437 -10.11 -12.98 20.71
N ARG A 438 -9.91 -11.69 20.39
CA ARG A 438 -9.52 -11.28 19.06
C ARG A 438 -8.15 -11.84 18.68
N PHE A 439 -7.30 -12.05 19.68
CA PHE A 439 -5.97 -12.59 19.44
C PHE A 439 -5.82 -14.05 19.90
N SER A 440 -6.91 -14.80 19.83
CA SER A 440 -6.92 -16.22 20.15
C SER A 440 -6.44 -16.52 21.57
N LEU A 441 -6.82 -15.65 22.50
CA LEU A 441 -6.51 -15.85 23.91
C LEU A 441 -7.78 -16.08 24.71
N LYS A 442 -7.67 -16.92 25.75
CA LYS A 442 -8.80 -17.15 26.64
C LYS A 442 -9.08 -15.92 27.47
N PRO A 443 -10.36 -15.52 27.57
CA PRO A 443 -10.76 -14.37 28.39
C PRO A 443 -10.49 -14.62 29.87
N TYR A 444 -10.05 -13.59 30.59
CA TYR A 444 -9.87 -13.71 32.04
C TYR A 444 -11.23 -13.85 32.70
N THR A 445 -11.30 -14.69 33.73
CA THR A 445 -12.54 -14.98 34.41
C THR A 445 -12.65 -14.22 35.74
N SER A 446 -11.52 -13.64 36.16
CA SER A 446 -11.48 -12.85 37.38
C SER A 446 -10.30 -11.89 37.35
N PHE A 447 -10.33 -10.88 38.23
CA PHE A 447 -9.24 -9.94 38.33
C PHE A 447 -8.01 -10.59 38.94
N GLU A 448 -8.23 -11.54 39.85
CA GLU A 448 -7.13 -12.28 40.47
C GLU A 448 -6.39 -13.12 39.43
N GLU A 449 -7.12 -13.60 38.43
CA GLU A 449 -6.51 -14.34 37.34
C GLU A 449 -5.69 -13.40 36.47
N LEU A 450 -6.13 -12.16 36.35
CA LEU A 450 -5.43 -11.15 35.55
C LEU A 450 -4.12 -10.72 36.19
N THR A 451 -4.14 -10.48 37.50
CA THR A 451 -2.98 -9.95 38.21
C THR A 451 -2.10 -11.04 38.85
N GLY A 452 -2.68 -12.21 39.08
CA GLY A 452 -1.97 -13.29 39.75
C GLY A 452 -1.63 -12.89 41.18
N GLU A 453 -2.54 -12.11 41.75
CA GLU A 453 -2.29 -11.39 42.98
C GLU A 453 -3.64 -11.02 43.59
N LYS A 454 -3.69 -10.57 44.84
CA LYS A 454 -4.97 -10.33 45.50
C LYS A 454 -5.29 -8.86 45.79
N GLU A 455 -4.29 -8.05 46.11
CA GLU A 455 -4.53 -6.68 46.55
C GLU A 455 -5.06 -5.77 45.43
N MET A 456 -4.36 -5.76 44.29
CA MET A 456 -4.78 -4.93 43.16
C MET A 456 -6.06 -5.45 42.53
N ALA A 457 -6.23 -6.77 42.55
CA ALA A 457 -7.43 -7.39 42.01
C ALA A 457 -8.67 -6.90 42.74
N ALA A 458 -8.60 -6.84 44.06
CA ALA A 458 -9.72 -6.35 44.86
C ALA A 458 -9.98 -4.87 44.56
N GLU A 459 -8.92 -4.11 44.36
CA GLU A 459 -9.02 -2.71 43.97
C GLU A 459 -9.75 -2.58 42.63
N LEU A 460 -9.30 -3.36 41.64
CA LEU A 460 -9.90 -3.34 40.32
C LEU A 460 -11.35 -3.82 40.34
N LYS A 461 -11.64 -4.77 41.22
CA LYS A 461 -12.99 -5.32 41.34
C LYS A 461 -13.95 -4.26 41.84
N ALA A 462 -13.52 -3.47 42.82
CA ALA A 462 -14.35 -2.41 43.36
C ALA A 462 -14.57 -1.30 42.33
N LEU A 463 -13.61 -1.16 41.42
CA LEU A 463 -13.68 -0.11 40.40
C LEU A 463 -14.48 -0.53 39.17
N TYR A 464 -14.20 -1.72 38.66
CA TYR A 464 -14.80 -2.16 37.39
C TYR A 464 -15.99 -3.10 37.56
N SER A 465 -16.08 -3.76 38.72
CA SER A 465 -17.15 -4.70 39.05
C SER A 465 -17.15 -5.98 38.20
N ASP A 466 -16.99 -5.83 36.90
CA ASP A 466 -16.98 -6.97 35.99
C ASP A 466 -15.63 -7.09 35.28
N ILE A 467 -15.12 -8.30 35.15
CA ILE A 467 -13.86 -8.54 34.46
C ILE A 467 -14.02 -8.34 32.95
N ASP A 468 -15.25 -8.45 32.47
CA ASP A 468 -15.53 -8.32 31.04
C ASP A 468 -15.62 -6.86 30.58
N VAL A 469 -15.46 -5.93 31.51
CA VAL A 469 -15.42 -4.51 31.15
C VAL A 469 -14.09 -3.88 31.54
N MET A 470 -13.15 -4.70 31.98
CA MET A 470 -11.79 -4.26 32.27
C MET A 470 -11.14 -3.71 31.01
N GLU A 471 -10.44 -2.58 31.13
CA GLU A 471 -9.86 -1.90 29.97
C GLU A 471 -8.52 -2.51 29.58
N LEU A 472 -8.16 -2.37 28.32
CA LEU A 472 -6.97 -2.99 27.76
C LEU A 472 -5.67 -2.41 28.31
N TYR A 473 -5.53 -1.10 28.28
CA TYR A 473 -4.27 -0.48 28.67
C TYR A 473 -3.92 -0.66 30.16
N PRO A 474 -4.85 -0.36 31.09
CA PRO A 474 -4.49 -0.59 32.49
C PRO A 474 -4.18 -2.06 32.79
N ALA A 475 -4.87 -2.96 32.08
CA ALA A 475 -4.68 -4.39 32.27
C ALA A 475 -3.26 -4.81 31.88
N LEU A 476 -2.75 -4.22 30.81
CA LEU A 476 -1.41 -4.51 30.32
C LEU A 476 -0.35 -4.16 31.38
N LEU A 477 -0.64 -3.15 32.19
CA LEU A 477 0.33 -2.67 33.17
C LEU A 477 0.22 -3.40 34.51
N VAL A 478 -0.93 -4.00 34.79
CA VAL A 478 -1.13 -4.70 36.05
C VAL A 478 -1.22 -6.22 35.87
N GLU A 479 -1.11 -6.66 34.62
CA GLU A 479 -1.22 -8.09 34.30
C GLU A 479 -0.11 -8.89 34.96
N LYS A 480 -0.43 -10.12 35.37
CA LYS A 480 0.56 -11.04 35.90
C LYS A 480 1.63 -11.32 34.85
N PRO A 481 2.86 -10.86 35.11
CA PRO A 481 3.94 -11.07 34.14
C PRO A 481 4.39 -12.52 34.07
N ARG A 482 4.96 -12.90 32.93
CA ARG A 482 5.58 -14.21 32.77
C ARG A 482 6.72 -14.33 33.80
N PRO A 483 7.09 -15.56 34.17
CA PRO A 483 8.12 -15.76 35.20
C PRO A 483 9.41 -14.97 34.95
N ASP A 484 9.69 -14.03 35.84
CA ASP A 484 10.87 -13.17 35.77
C ASP A 484 10.93 -12.37 34.46
N ALA A 485 9.76 -12.11 33.89
CA ALA A 485 9.68 -11.38 32.62
C ALA A 485 9.17 -9.96 32.81
N ILE A 486 9.29 -9.15 31.76
CA ILE A 486 8.90 -7.75 31.81
C ILE A 486 7.44 -7.56 31.44
N PHE A 487 6.88 -8.51 30.70
CA PHE A 487 5.51 -8.38 30.18
C PHE A 487 4.59 -9.50 30.64
N GLY A 488 3.29 -9.27 30.48
CA GLY A 488 2.30 -10.31 30.67
C GLY A 488 1.97 -10.96 29.33
N GLU A 489 1.03 -11.90 29.34
CA GLU A 489 0.67 -12.65 28.14
C GLU A 489 0.05 -11.77 27.07
N THR A 490 -0.84 -10.87 27.48
CA THR A 490 -1.56 -10.03 26.53
C THR A 490 -0.63 -9.11 25.74
N MET A 491 0.34 -8.53 26.43
CA MET A 491 1.29 -7.61 25.81
C MET A 491 2.06 -8.27 24.68
N VAL A 492 2.56 -9.48 24.95
CA VAL A 492 3.34 -10.22 23.96
C VAL A 492 2.49 -10.71 22.81
N GLU A 493 1.34 -11.31 23.12
CA GLU A 493 0.48 -11.90 22.10
C GLU A 493 -0.16 -10.85 21.20
N LEU A 494 -0.22 -9.61 21.67
CA LEU A 494 -0.71 -8.52 20.83
C LEU A 494 0.46 -7.79 20.18
N GLY A 495 1.50 -7.53 20.97
CA GLY A 495 2.63 -6.75 20.51
C GLY A 495 3.45 -7.40 19.40
N ALA A 496 3.75 -8.68 19.56
CA ALA A 496 4.61 -9.39 18.62
C ALA A 496 4.08 -9.44 17.18
N PRO A 497 2.80 -9.82 16.97
CA PRO A 497 2.31 -9.83 15.58
C PRO A 497 2.35 -8.45 14.92
N PHE A 498 1.99 -7.42 15.67
CA PHE A 498 2.04 -6.05 15.17
C PHE A 498 3.46 -5.65 14.77
N SER A 499 4.44 -6.12 15.53
CA SER A 499 5.84 -5.76 15.30
C SER A 499 6.43 -6.40 14.05
N LEU A 500 6.32 -7.73 13.96
CA LEU A 500 6.90 -8.46 12.84
C LEU A 500 6.25 -8.06 11.51
N LYS A 501 4.95 -7.84 11.56
CA LYS A 501 4.22 -7.32 10.40
C LYS A 501 4.80 -5.98 9.97
N GLY A 502 5.09 -5.11 10.94
CA GLY A 502 5.64 -3.80 10.67
C GLY A 502 7.06 -3.84 10.18
N LEU A 503 7.76 -4.93 10.48
CA LEU A 503 9.15 -5.10 10.08
C LEU A 503 9.31 -5.84 8.76
N MET A 504 8.73 -7.04 8.67
CA MET A 504 8.84 -7.85 7.46
C MET A 504 8.00 -7.27 6.31
N GLY A 505 6.96 -6.51 6.66
CA GLY A 505 6.08 -5.92 5.67
C GLY A 505 6.72 -4.81 4.88
N ASN A 506 7.91 -4.38 5.31
CA ASN A 506 8.66 -3.35 4.61
C ASN A 506 9.02 -3.82 3.20
N PRO A 507 8.92 -2.91 2.22
CA PRO A 507 9.20 -3.26 0.82
C PRO A 507 10.62 -3.76 0.57
N ILE A 508 11.57 -3.40 1.41
CA ILE A 508 12.94 -3.85 1.19
C ILE A 508 13.09 -5.33 1.52
N CYS A 509 12.06 -5.90 2.15
CA CYS A 509 12.04 -7.33 2.44
C CYS A 509 11.37 -8.11 1.31
N SER A 510 10.80 -7.39 0.35
CA SER A 510 10.17 -8.02 -0.81
C SER A 510 11.27 -8.51 -1.77
N PRO A 511 11.02 -9.61 -2.49
CA PRO A 511 12.04 -10.25 -3.32
C PRO A 511 12.68 -9.35 -4.38
N GLN A 512 11.95 -8.38 -4.91
CA GLN A 512 12.53 -7.48 -5.90
C GLN A 512 13.46 -6.44 -5.29
N TYR A 513 13.31 -6.20 -3.99
CA TYR A 513 14.17 -5.26 -3.28
C TYR A 513 15.34 -5.96 -2.60
N TRP A 514 15.09 -7.14 -2.06
CA TRP A 514 16.11 -7.84 -1.29
C TRP A 514 17.20 -8.44 -2.19
N LYS A 515 17.96 -7.54 -2.82
CA LYS A 515 19.07 -7.91 -3.69
C LYS A 515 20.26 -7.03 -3.35
N PRO A 516 21.49 -7.51 -3.61
CA PRO A 516 22.69 -6.70 -3.42
C PRO A 516 22.62 -5.38 -4.20
N SER A 517 22.05 -5.42 -5.39
CA SER A 517 21.97 -4.26 -6.29
C SER A 517 21.19 -3.08 -5.67
N THR A 518 20.19 -3.40 -4.87
CA THR A 518 19.37 -2.39 -4.20
C THR A 518 20.20 -1.55 -3.23
N PHE A 519 21.24 -2.16 -2.67
CA PHE A 519 22.03 -1.51 -1.63
C PHE A 519 23.44 -1.17 -2.08
N GLY A 520 23.63 -1.03 -3.40
CA GLY A 520 24.91 -0.60 -3.94
C GLY A 520 25.92 -1.70 -4.15
N GLY A 521 25.53 -2.94 -3.93
CA GLY A 521 26.40 -4.08 -4.12
C GLY A 521 26.57 -4.92 -2.87
N GLU A 522 27.48 -5.89 -2.92
CA GLU A 522 27.69 -6.82 -1.81
C GLU A 522 28.16 -6.12 -0.53
N VAL A 523 28.91 -5.03 -0.68
CA VAL A 523 29.41 -4.29 0.48
C VAL A 523 28.26 -3.66 1.25
N GLY A 524 27.39 -2.94 0.54
CA GLY A 524 26.25 -2.30 1.16
C GLY A 524 25.26 -3.30 1.72
N PHE A 525 25.13 -4.43 1.02
CA PHE A 525 24.25 -5.51 1.46
C PHE A 525 24.73 -6.11 2.77
N LYS A 526 26.05 -6.25 2.90
CA LYS A 526 26.64 -6.88 4.07
C LYS A 526 26.57 -5.97 5.30
N ILE A 527 26.56 -4.67 5.08
CA ILE A 527 26.36 -3.71 6.16
C ILE A 527 25.06 -4.02 6.89
N ILE A 528 24.00 -4.25 6.11
CA ILE A 528 22.71 -4.62 6.68
C ILE A 528 22.77 -5.94 7.44
N ASN A 529 23.30 -6.97 6.79
CA ASN A 529 23.26 -8.32 7.33
C ASN A 529 24.28 -8.60 8.44
N THR A 530 25.08 -7.60 8.79
CA THR A 530 26.02 -7.75 9.89
C THR A 530 25.79 -6.68 10.96
N ALA A 531 24.72 -5.91 10.80
CA ALA A 531 24.41 -4.82 11.73
C ALA A 531 23.95 -5.35 13.08
N SER A 532 24.34 -4.62 14.14
CA SER A 532 23.89 -4.93 15.49
C SER A 532 23.86 -3.63 16.30
N ILE A 533 23.24 -3.67 17.47
CA ILE A 533 23.21 -2.50 18.33
C ILE A 533 24.64 -2.14 18.77
N GLN A 534 25.46 -3.17 18.94
CA GLN A 534 26.85 -3.00 19.35
C GLN A 534 27.69 -2.36 18.25
N SER A 535 27.52 -2.81 17.01
CA SER A 535 28.31 -2.30 15.90
C SER A 535 27.88 -0.87 15.57
N LEU A 536 26.59 -0.60 15.74
CA LEU A 536 26.05 0.74 15.53
C LEU A 536 26.73 1.75 16.46
N ILE A 537 26.95 1.34 17.71
CA ILE A 537 27.61 2.19 18.69
C ILE A 537 29.13 2.22 18.47
N CYS A 538 29.70 1.06 18.15
CA CYS A 538 31.14 0.95 17.96
C CYS A 538 31.63 1.80 16.78
N ASN A 539 30.82 1.86 15.72
CA ASN A 539 31.20 2.59 14.52
C ASN A 539 31.05 4.10 14.62
N ASN A 540 30.19 4.55 15.54
CA ASN A 540 29.81 5.96 15.56
C ASN A 540 30.01 6.67 16.89
N VAL A 541 30.41 5.92 17.92
CA VAL A 541 30.65 6.51 19.24
C VAL A 541 32.11 6.35 19.62
N LYS A 542 32.77 7.46 19.92
CA LYS A 542 34.20 7.49 20.20
C LYS A 542 34.59 6.54 21.33
N GLY A 543 35.65 5.76 21.11
CA GLY A 543 36.14 4.83 22.10
C GLY A 543 35.56 3.44 21.93
N CYS A 544 34.49 3.34 21.13
CA CYS A 544 33.77 2.09 20.92
C CYS A 544 33.42 1.42 22.25
N PRO A 545 32.49 2.02 23.01
CA PRO A 545 32.10 1.42 24.28
C PRO A 545 31.23 0.18 24.06
N PHE A 546 31.31 -0.78 24.98
CA PHE A 546 30.47 -1.97 24.90
C PHE A 546 29.05 -1.60 25.28
N THR A 547 28.09 -2.15 24.54
CA THR A 547 26.69 -1.89 24.86
C THR A 547 25.81 -3.10 24.60
N SER A 548 24.57 -3.00 25.08
CA SER A 548 23.62 -4.09 25.00
C SER A 548 22.26 -3.55 25.45
N PHE A 549 21.23 -4.38 25.36
CA PHE A 549 19.93 -3.99 25.87
C PHE A 549 19.69 -4.54 27.28
N ASN A 550 20.70 -5.21 27.82
CA ASN A 550 20.64 -5.72 29.18
C ASN A 550 21.79 -5.16 30.03
N VAL A 551 21.56 -5.01 31.33
CA VAL A 551 22.57 -4.48 32.24
C VAL A 551 23.77 -5.40 32.40
N HIS B 1 30.11 8.36 -20.11
CA HIS B 1 28.67 8.23 -19.85
C HIS B 1 28.39 7.03 -18.95
N HIS B 2 27.13 6.91 -18.52
CA HIS B 2 26.71 5.83 -17.64
C HIS B 2 26.96 4.46 -18.27
N PRO B 3 27.59 3.55 -17.51
CA PRO B 3 27.97 2.22 -17.99
C PRO B 3 26.78 1.34 -18.37
N CYS B 4 25.61 1.65 -17.85
CA CYS B 4 24.43 0.83 -18.09
C CYS B 4 23.58 1.32 -19.25
N CYS B 5 24.10 2.32 -19.97
CA CYS B 5 23.35 2.93 -21.07
C CYS B 5 22.98 1.92 -22.17
N SER B 6 23.82 0.91 -22.35
CA SER B 6 23.58 -0.09 -23.40
C SER B 6 22.58 -1.16 -22.98
N ASN B 7 22.07 -1.06 -21.75
CA ASN B 7 21.19 -2.08 -21.17
C ASN B 7 21.74 -3.49 -21.34
N PRO B 8 22.92 -3.78 -20.76
CA PRO B 8 23.61 -5.04 -21.01
C PRO B 8 22.98 -6.24 -20.28
N CYS B 9 22.35 -5.99 -19.13
CA CYS B 9 21.76 -7.05 -18.31
C CYS B 9 20.47 -7.60 -18.89
N GLN B 10 20.44 -8.91 -19.14
CA GLN B 10 19.29 -9.55 -19.74
C GLN B 10 18.44 -10.28 -18.71
N ASN B 11 17.24 -10.68 -19.11
CA ASN B 11 16.37 -11.53 -18.31
C ASN B 11 16.09 -10.98 -16.92
N ARG B 12 15.66 -9.72 -16.86
CA ARG B 12 15.32 -9.04 -15.61
C ARG B 12 16.53 -8.89 -14.68
N GLY B 13 17.73 -8.91 -15.25
CA GLY B 13 18.93 -8.61 -14.50
C GLY B 13 18.96 -7.13 -14.21
N GLU B 14 19.49 -6.75 -13.06
CA GLU B 14 19.56 -5.34 -12.68
C GLU B 14 20.97 -4.81 -12.90
N CYS B 15 21.09 -3.68 -13.59
CA CYS B 15 22.39 -3.12 -13.91
C CYS B 15 22.83 -2.10 -12.87
N MET B 16 24.12 -2.09 -12.59
CA MET B 16 24.69 -1.17 -11.62
C MET B 16 26.09 -0.76 -12.05
N SER B 17 26.39 0.53 -11.98
CA SER B 17 27.74 1.00 -12.27
C SER B 17 28.66 0.60 -11.12
N THR B 18 29.90 0.27 -11.44
CA THR B 18 30.88 -0.08 -10.42
C THR B 18 32.09 0.84 -10.53
N GLY B 19 32.19 1.52 -11.66
CA GLY B 19 33.19 2.56 -11.86
C GLY B 19 32.65 3.53 -12.89
N PHE B 20 33.51 4.42 -13.38
CA PHE B 20 33.08 5.37 -14.39
C PHE B 20 32.83 4.69 -15.72
N ASP B 21 33.44 3.52 -15.92
CA ASP B 21 33.35 2.83 -17.20
C ASP B 21 33.04 1.35 -17.06
N GLN B 22 32.53 0.95 -15.89
CA GLN B 22 32.27 -0.47 -15.65
C GLN B 22 30.92 -0.70 -14.97
N TYR B 23 30.28 -1.82 -15.33
CA TYR B 23 28.99 -2.17 -14.75
C TYR B 23 29.01 -3.58 -14.16
N LYS B 24 27.98 -3.90 -13.39
CA LYS B 24 27.79 -5.25 -12.89
C LYS B 24 26.30 -5.60 -12.93
N CYS B 25 25.99 -6.82 -13.36
CA CYS B 25 24.61 -7.27 -13.42
C CYS B 25 24.27 -8.15 -12.21
N ASP B 26 23.11 -7.90 -11.62
CA ASP B 26 22.64 -8.71 -10.51
C ASP B 26 21.58 -9.69 -10.98
N CYS B 27 21.97 -10.96 -11.04
CA CYS B 27 21.11 -12.01 -11.63
C CYS B 27 20.30 -12.75 -10.56
N THR B 28 20.10 -12.10 -9.41
CA THR B 28 19.35 -12.70 -8.31
C THR B 28 17.93 -13.10 -8.72
N ARG B 29 17.64 -14.40 -8.55
CA ARG B 29 16.32 -14.98 -8.84
C ARG B 29 15.83 -14.74 -10.26
N THR B 30 16.77 -14.59 -11.19
CA THR B 30 16.42 -14.43 -12.60
C THR B 30 16.39 -15.77 -13.32
N GLY B 31 17.03 -16.77 -12.72
CA GLY B 31 17.14 -18.08 -13.34
C GLY B 31 18.33 -18.15 -14.26
N PHE B 32 19.09 -17.07 -14.31
CA PHE B 32 20.27 -16.96 -15.17
C PHE B 32 21.50 -16.55 -14.37
N TYR B 33 22.67 -16.63 -15.01
CA TYR B 33 23.90 -16.12 -14.43
C TYR B 33 24.86 -15.71 -15.53
N GLY B 34 26.08 -15.36 -15.15
CA GLY B 34 27.05 -14.83 -16.11
C GLY B 34 27.13 -13.32 -16.02
N GLU B 35 28.01 -12.72 -16.81
CA GLU B 35 28.23 -11.27 -16.76
C GLU B 35 26.97 -10.48 -17.11
N ASN B 36 26.19 -11.01 -18.05
CA ASN B 36 25.02 -10.31 -18.55
C ASN B 36 23.71 -11.02 -18.22
N CYS B 37 23.76 -11.99 -17.31
CA CYS B 37 22.62 -12.82 -16.95
C CYS B 37 22.02 -13.51 -18.17
N THR B 38 22.88 -14.11 -18.98
CA THR B 38 22.45 -14.75 -20.22
C THR B 38 22.66 -16.26 -20.20
N THR B 39 23.52 -16.74 -19.32
CA THR B 39 23.73 -18.18 -19.17
C THR B 39 22.66 -18.78 -18.26
N PRO B 40 21.78 -19.62 -18.83
CA PRO B 40 20.65 -20.18 -18.09
C PRO B 40 21.01 -21.33 -17.17
N GLU B 41 20.38 -21.36 -16.00
CA GLU B 41 20.50 -22.51 -15.10
C GLU B 41 19.86 -23.73 -15.75
N PHE B 42 20.22 -24.91 -15.28
CA PHE B 42 19.71 -26.15 -15.87
C PHE B 42 18.19 -26.24 -15.76
N LEU B 43 17.67 -25.92 -14.58
CA LEU B 43 16.23 -25.92 -14.36
C LEU B 43 15.55 -24.90 -15.26
N THR B 44 16.21 -23.76 -15.46
CA THR B 44 15.71 -22.71 -16.33
C THR B 44 15.68 -23.18 -17.79
N ARG B 45 16.69 -23.95 -18.18
CA ARG B 45 16.77 -24.48 -19.54
C ARG B 45 15.61 -25.42 -19.84
N ILE B 46 15.08 -26.06 -18.79
CA ILE B 46 13.93 -26.95 -18.93
C ILE B 46 12.65 -26.15 -19.18
N LYS B 47 12.43 -25.13 -18.36
CA LYS B 47 11.22 -24.31 -18.46
C LYS B 47 11.12 -23.61 -19.80
N LEU B 48 12.26 -23.25 -20.38
CA LEU B 48 12.29 -22.55 -21.67
C LEU B 48 11.86 -23.46 -22.81
N LEU B 49 12.25 -24.72 -22.75
CA LEU B 49 11.93 -25.67 -23.81
C LEU B 49 10.44 -26.03 -23.83
N LEU B 50 9.76 -25.81 -22.71
CA LEU B 50 8.39 -26.24 -22.55
C LEU B 50 7.39 -25.10 -22.71
N ALA B 51 7.85 -23.88 -22.45
CA ALA B 51 6.97 -22.70 -22.49
C ALA B 51 6.44 -22.43 -23.89
N PRO B 52 5.10 -22.42 -24.02
CA PRO B 52 4.44 -22.09 -25.30
C PRO B 52 4.52 -20.59 -25.61
N THR B 53 4.67 -20.26 -26.88
CA THR B 53 4.73 -18.86 -27.31
C THR B 53 3.40 -18.16 -27.07
N PRO B 54 3.44 -16.83 -26.85
CA PRO B 54 2.20 -16.04 -26.69
C PRO B 54 1.26 -16.18 -27.88
N GLN B 55 1.83 -16.41 -29.06
CA GLN B 55 1.04 -16.62 -30.27
C GLN B 55 0.32 -17.97 -30.19
N THR B 56 1.03 -18.98 -29.68
CA THR B 56 0.47 -20.32 -29.55
C THR B 56 -0.68 -20.34 -28.56
N VAL B 57 -0.46 -19.79 -27.37
CA VAL B 57 -1.48 -19.75 -26.33
C VAL B 57 -2.72 -18.97 -26.80
N HIS B 58 -2.50 -17.95 -27.62
CA HIS B 58 -3.59 -17.15 -28.17
C HIS B 58 -4.36 -17.94 -29.22
N TYR B 59 -3.67 -18.80 -29.95
CA TYR B 59 -4.31 -19.64 -30.96
C TYR B 59 -5.25 -20.65 -30.30
N ILE B 60 -4.78 -21.24 -29.20
CA ILE B 60 -5.55 -22.22 -28.46
C ILE B 60 -6.81 -21.60 -27.88
N LEU B 61 -6.70 -20.35 -27.43
CA LEU B 61 -7.81 -19.65 -26.79
C LEU B 61 -8.82 -19.09 -27.79
N THR B 62 -8.37 -18.86 -29.02
CA THR B 62 -9.24 -18.30 -30.04
C THR B 62 -9.76 -19.37 -31.01
N HIS B 63 -9.44 -20.62 -30.72
CA HIS B 63 -9.93 -21.74 -31.52
C HIS B 63 -10.53 -22.82 -30.62
N PHE B 64 -10.90 -23.95 -31.22
CA PHE B 64 -11.46 -25.09 -30.49
C PHE B 64 -12.66 -24.67 -29.65
N LYS B 65 -13.64 -24.02 -30.29
CA LYS B 65 -14.80 -23.47 -29.60
C LYS B 65 -15.58 -24.52 -28.82
N GLY B 66 -15.66 -25.72 -29.38
CA GLY B 66 -16.38 -26.82 -28.74
C GLY B 66 -15.73 -27.20 -27.42
N VAL B 67 -14.41 -27.20 -27.38
CA VAL B 67 -13.67 -27.54 -26.17
C VAL B 67 -13.88 -26.49 -25.10
N TRP B 68 -14.00 -25.23 -25.52
CA TRP B 68 -14.22 -24.14 -24.58
C TRP B 68 -15.67 -24.03 -24.16
N ASN B 69 -16.57 -24.53 -25.00
CA ASN B 69 -17.99 -24.59 -24.65
C ASN B 69 -18.21 -25.45 -23.40
N ILE B 70 -17.55 -26.60 -23.37
CA ILE B 70 -17.66 -27.51 -22.23
C ILE B 70 -17.10 -26.88 -20.96
N VAL B 71 -15.95 -26.22 -21.08
CA VAL B 71 -15.29 -25.59 -19.94
C VAL B 71 -16.15 -24.49 -19.31
N ASN B 72 -16.71 -23.61 -20.14
CA ASN B 72 -17.49 -22.48 -19.65
C ASN B 72 -18.79 -22.91 -18.96
N ASN B 73 -19.27 -24.10 -19.29
CA ASN B 73 -20.53 -24.59 -18.72
C ASN B 73 -20.35 -25.25 -17.36
N VAL B 74 -19.19 -25.87 -17.16
CA VAL B 74 -18.87 -26.52 -15.88
C VAL B 74 -18.08 -25.57 -14.98
N PRO B 75 -18.71 -25.10 -13.90
CA PRO B 75 -18.11 -24.11 -12.98
C PRO B 75 -16.78 -24.57 -12.39
N PHE B 76 -16.63 -25.86 -12.15
CA PHE B 76 -15.38 -26.40 -11.61
C PHE B 76 -14.23 -26.19 -12.58
N LEU B 77 -14.47 -26.50 -13.85
CA LEU B 77 -13.46 -26.34 -14.88
C LEU B 77 -13.21 -24.87 -15.21
N ARG B 78 -14.29 -24.07 -15.21
CA ARG B 78 -14.18 -22.65 -15.50
C ARG B 78 -13.31 -21.95 -14.46
N SER B 79 -13.55 -22.27 -13.19
CA SER B 79 -12.74 -21.73 -12.10
C SER B 79 -11.30 -22.21 -12.18
N LEU B 80 -11.12 -23.44 -12.63
CA LEU B 80 -9.79 -24.03 -12.74
C LEU B 80 -8.97 -23.31 -13.81
N ILE B 81 -9.59 -23.07 -14.96
CA ILE B 81 -8.91 -22.39 -16.05
C ILE B 81 -8.60 -20.95 -15.70
N MET B 82 -9.58 -20.25 -15.11
CA MET B 82 -9.39 -18.85 -14.72
C MET B 82 -8.30 -18.72 -13.66
N LYS B 83 -8.17 -19.75 -12.83
CA LYS B 83 -7.15 -19.79 -11.80
C LYS B 83 -5.75 -19.81 -12.42
N TYR B 84 -5.63 -20.50 -13.55
CA TYR B 84 -4.36 -20.58 -14.26
C TYR B 84 -4.02 -19.24 -14.92
N VAL B 85 -5.04 -18.58 -15.46
CA VAL B 85 -4.86 -17.29 -16.13
C VAL B 85 -4.38 -16.22 -15.14
N LEU B 86 -4.92 -16.25 -13.93
CA LEU B 86 -4.58 -15.26 -12.91
C LEU B 86 -3.20 -15.49 -12.31
N THR B 87 -2.65 -16.68 -12.54
CA THR B 87 -1.35 -17.03 -11.98
C THR B 87 -0.36 -17.49 -13.04
N SER B 88 -0.55 -17.01 -14.27
CA SER B 88 0.35 -17.33 -15.37
C SER B 88 1.52 -16.36 -15.41
N ARG B 89 1.32 -15.17 -14.86
CA ARG B 89 2.37 -14.15 -14.79
C ARG B 89 2.73 -13.86 -13.35
N PRO B 90 3.60 -14.69 -12.76
CA PRO B 90 3.96 -14.62 -11.34
C PRO B 90 4.55 -13.29 -10.92
N TYR B 91 5.71 -12.95 -11.48
CA TYR B 91 6.42 -11.74 -11.09
C TYR B 91 6.68 -10.80 -12.27
N LEU B 92 5.73 -10.73 -13.20
CA LEU B 92 5.84 -9.79 -14.31
C LEU B 92 5.80 -8.34 -13.82
N ILE B 93 4.93 -8.07 -12.86
CA ILE B 93 4.77 -6.72 -12.32
C ILE B 93 5.43 -6.58 -10.96
N ASP B 94 6.34 -5.62 -10.85
CA ASP B 94 6.99 -5.34 -9.56
C ASP B 94 5.97 -4.83 -8.55
N SER B 95 5.73 -5.62 -7.51
CA SER B 95 4.80 -5.24 -6.45
C SER B 95 5.32 -5.73 -5.10
N PRO B 96 5.77 -4.82 -4.23
CA PRO B 96 5.81 -3.34 -4.29
C PRO B 96 6.58 -2.77 -5.49
N PRO B 97 6.15 -1.60 -5.97
CA PRO B 97 6.75 -0.95 -7.15
C PRO B 97 8.20 -0.54 -6.94
N THR B 98 8.89 -0.20 -8.02
CA THR B 98 10.32 0.09 -7.97
C THR B 98 10.68 1.46 -8.55
N TYR B 99 10.95 1.50 -9.84
CA TYR B 99 11.46 2.72 -10.48
C TYR B 99 10.37 3.73 -10.86
N ASN B 100 10.77 4.96 -11.14
CA ASN B 100 9.90 5.93 -11.79
C ASN B 100 10.72 6.85 -12.70
N VAL B 101 10.12 7.95 -13.16
CA VAL B 101 10.75 8.81 -14.15
C VAL B 101 12.05 9.45 -13.63
N HIS B 102 12.16 9.60 -12.32
CA HIS B 102 13.33 10.25 -11.74
C HIS B 102 14.32 9.26 -11.12
N TYR B 103 13.90 8.00 -10.98
CA TYR B 103 14.75 7.02 -10.32
C TYR B 103 14.90 5.75 -11.14
N GLY B 104 16.08 5.57 -11.73
CA GLY B 104 16.40 4.35 -12.45
C GLY B 104 17.08 3.34 -11.54
N TYR B 105 17.02 3.62 -10.24
CA TYR B 105 17.49 2.71 -9.21
C TYR B 105 16.47 2.74 -8.10
N LYS B 106 16.38 1.65 -7.33
CA LYS B 106 15.40 1.59 -6.25
C LYS B 106 15.76 2.58 -5.14
N SER B 107 14.74 3.31 -4.67
CA SER B 107 14.93 4.29 -3.61
C SER B 107 13.64 4.44 -2.80
N TRP B 108 13.74 4.93 -1.57
CA TRP B 108 12.56 5.12 -0.75
C TRP B 108 11.67 6.23 -1.30
N GLU B 109 12.28 7.23 -1.94
CA GLU B 109 11.51 8.29 -2.58
C GLU B 109 10.63 7.72 -3.69
N ALA B 110 11.17 6.79 -4.47
CA ALA B 110 10.43 6.16 -5.56
C ALA B 110 9.26 5.32 -5.04
N PHE B 111 9.47 4.63 -3.93
CA PHE B 111 8.43 3.79 -3.36
C PHE B 111 7.32 4.57 -2.67
N SER B 112 7.68 5.57 -1.88
CA SER B 112 6.72 6.19 -0.98
C SER B 112 5.93 7.34 -1.60
N ASN B 113 6.48 7.95 -2.64
CA ASN B 113 5.84 9.11 -3.26
C ASN B 113 4.78 8.69 -4.27
N LEU B 114 3.52 8.80 -3.87
CA LEU B 114 2.40 8.29 -4.67
C LEU B 114 2.08 9.18 -5.86
N SER B 115 2.69 10.37 -5.91
CA SER B 115 2.43 11.31 -6.99
C SER B 115 3.09 10.88 -8.30
N TYR B 116 3.99 9.92 -8.21
CA TYR B 116 4.65 9.37 -9.39
C TYR B 116 3.88 8.22 -10.00
N TYR B 117 3.89 8.14 -11.33
CA TYR B 117 3.63 6.88 -12.00
C TYR B 117 4.85 6.01 -11.77
N THR B 118 4.65 4.73 -11.49
CA THR B 118 5.79 3.84 -11.38
C THR B 118 6.24 3.46 -12.79
N ARG B 119 7.35 2.73 -12.90
CA ARG B 119 7.89 2.37 -14.21
C ARG B 119 8.29 0.90 -14.28
N ALA B 120 7.84 0.23 -15.33
CA ALA B 120 8.19 -1.17 -15.56
C ALA B 120 9.66 -1.29 -15.95
N LEU B 121 10.12 -0.39 -16.79
CA LEU B 121 11.54 -0.26 -17.07
C LEU B 121 12.02 1.10 -16.62
N PRO B 122 13.23 1.15 -16.05
CA PRO B 122 13.81 2.43 -15.62
C PRO B 122 14.06 3.35 -16.81
N PRO B 123 14.10 4.66 -16.58
CA PRO B 123 14.38 5.60 -17.67
C PRO B 123 15.83 5.51 -18.14
N VAL B 124 16.06 5.81 -19.41
CA VAL B 124 17.41 5.93 -19.94
C VAL B 124 18.16 7.02 -19.18
N ALA B 125 19.41 6.76 -18.82
CA ALA B 125 20.22 7.74 -18.08
C ALA B 125 20.37 9.03 -18.88
N ASP B 126 20.48 10.15 -18.16
CA ASP B 126 20.52 11.47 -18.79
C ASP B 126 21.68 11.64 -19.75
N ASP B 127 22.85 11.12 -19.38
CA ASP B 127 24.06 11.38 -20.15
C ASP B 127 24.38 10.32 -21.19
N CYS B 128 23.39 9.52 -21.57
CA CYS B 128 23.58 8.52 -22.62
C CYS B 128 23.77 9.18 -23.97
N PRO B 129 24.69 8.64 -24.79
CA PRO B 129 25.06 9.21 -26.09
C PRO B 129 23.91 9.26 -27.10
N THR B 130 22.91 8.39 -26.93
CA THR B 130 21.73 8.39 -27.82
C THR B 130 20.46 8.32 -26.98
N PRO B 131 19.32 8.77 -27.56
CA PRO B 131 18.05 8.77 -26.82
C PRO B 131 17.64 7.41 -26.26
N MET B 132 18.07 6.32 -26.89
CA MET B 132 17.71 4.99 -26.44
C MET B 132 18.85 4.27 -25.71
N GLY B 133 19.99 4.94 -25.56
CA GLY B 133 21.12 4.34 -24.88
C GLY B 133 22.44 4.54 -25.61
N VAL B 134 22.78 3.60 -26.49
CA VAL B 134 23.97 3.73 -27.32
C VAL B 134 23.64 3.49 -28.80
N LYS B 135 22.53 2.82 -29.06
CA LYS B 135 22.12 2.50 -30.42
C LYS B 135 21.34 3.66 -31.05
N GLY B 136 21.29 3.66 -32.39
CA GLY B 136 20.54 4.67 -33.11
C GLY B 136 21.31 5.94 -33.38
N ASN B 137 20.61 6.93 -33.94
CA ASN B 137 21.20 8.21 -34.26
C ASN B 137 21.25 9.13 -33.04
N LYS B 138 21.88 10.30 -33.21
CA LYS B 138 21.97 11.29 -32.14
C LYS B 138 20.59 11.75 -31.67
N GLU B 139 19.65 11.81 -32.61
CA GLU B 139 18.29 12.23 -32.31
C GLU B 139 17.26 11.29 -32.93
N LEU B 140 16.22 10.99 -32.17
CA LEU B 140 15.08 10.25 -32.68
C LEU B 140 14.43 11.06 -33.81
N PRO B 141 13.78 10.38 -34.77
CA PRO B 141 13.13 11.10 -35.87
C PRO B 141 12.08 12.09 -35.37
N ASP B 142 11.86 13.16 -36.14
CA ASP B 142 10.85 14.16 -35.81
C ASP B 142 9.49 13.51 -35.57
N SER B 143 8.88 13.80 -34.42
CA SER B 143 7.65 13.13 -34.01
C SER B 143 6.47 13.43 -34.93
N LYS B 144 6.45 14.63 -35.49
CA LYS B 144 5.41 15.00 -36.46
C LYS B 144 5.51 14.13 -37.71
N GLU B 145 6.74 13.89 -38.15
CA GLU B 145 6.98 13.09 -39.34
C GLU B 145 6.57 11.64 -39.10
N VAL B 146 6.88 11.13 -37.91
CA VAL B 146 6.48 9.78 -37.51
C VAL B 146 4.96 9.68 -37.50
N LEU B 147 4.33 10.66 -36.86
CA LEU B 147 2.87 10.72 -36.75
C LEU B 147 2.17 10.75 -38.10
N GLU B 148 2.65 11.61 -39.00
CA GLU B 148 1.96 11.83 -40.27
C GLU B 148 2.15 10.70 -41.26
N LYS B 149 3.25 9.98 -41.16
CA LYS B 149 3.55 8.95 -42.15
C LYS B 149 2.94 7.58 -41.81
N VAL B 150 2.88 7.23 -40.52
CA VAL B 150 2.40 5.91 -40.15
C VAL B 150 1.27 5.89 -39.10
N LEU B 151 0.97 7.04 -38.50
CA LEU B 151 -0.06 7.06 -37.46
C LEU B 151 -1.38 7.70 -37.87
N LEU B 152 -1.32 8.79 -38.62
CA LEU B 152 -2.54 9.54 -38.95
C LEU B 152 -3.47 8.77 -39.87
N ARG B 153 -4.77 8.87 -39.57
CA ARG B 153 -5.80 8.17 -40.32
C ARG B 153 -6.00 8.73 -41.72
N ARG B 154 -5.89 7.87 -42.72
CA ARG B 154 -6.26 8.23 -44.08
C ARG B 154 -7.75 7.99 -44.26
N GLU B 155 -8.11 6.71 -44.34
CA GLU B 155 -9.51 6.29 -44.35
C GLU B 155 -9.79 5.54 -43.06
N PHE B 156 -11.01 5.69 -42.53
CA PHE B 156 -11.38 5.04 -41.28
C PHE B 156 -11.32 3.52 -41.39
N ILE B 157 -10.46 2.92 -40.56
CA ILE B 157 -10.34 1.47 -40.49
C ILE B 157 -11.13 0.92 -39.31
N PRO B 158 -12.25 0.26 -39.59
CA PRO B 158 -13.12 -0.26 -38.52
C PRO B 158 -12.49 -1.44 -37.80
N ASP B 159 -12.76 -1.58 -36.50
CA ASP B 159 -12.26 -2.72 -35.76
C ASP B 159 -12.92 -4.02 -36.21
N PRO B 160 -12.11 -4.96 -36.73
CA PRO B 160 -12.63 -6.27 -37.15
C PRO B 160 -13.16 -7.10 -35.98
N GLN B 161 -12.86 -6.69 -34.74
CA GLN B 161 -13.40 -7.37 -33.56
C GLN B 161 -14.79 -6.85 -33.22
N GLY B 162 -15.19 -5.77 -33.87
CA GLY B 162 -16.54 -5.26 -33.75
C GLY B 162 -16.80 -4.38 -32.53
N SER B 163 -15.73 -3.85 -31.93
CA SER B 163 -15.87 -2.95 -30.80
C SER B 163 -16.73 -1.74 -31.17
N ASN B 164 -17.64 -1.36 -30.29
CA ASN B 164 -18.53 -0.24 -30.55
C ASN B 164 -18.20 0.99 -29.70
N MET B 165 -19.00 2.03 -29.83
CA MET B 165 -18.75 3.27 -29.09
C MET B 165 -19.11 3.13 -27.60
N MET B 166 -19.96 2.17 -27.28
CA MET B 166 -20.21 1.83 -25.88
C MET B 166 -18.93 1.31 -25.25
N PHE B 167 -18.15 0.56 -26.03
CA PHE B 167 -16.86 0.06 -25.57
C PHE B 167 -15.86 1.21 -25.43
N ALA B 168 -15.72 1.98 -26.50
CA ALA B 168 -14.72 3.04 -26.56
C ALA B 168 -14.89 4.07 -25.44
N PHE B 169 -16.13 4.42 -25.13
CA PHE B 169 -16.38 5.40 -24.09
C PHE B 169 -16.25 4.79 -22.71
N PHE B 170 -16.54 3.51 -22.59
CA PHE B 170 -16.36 2.81 -21.33
C PHE B 170 -14.86 2.74 -21.00
N ALA B 171 -14.06 2.46 -22.01
CA ALA B 171 -12.61 2.42 -21.86
C ALA B 171 -12.08 3.77 -21.39
N GLN B 172 -12.53 4.84 -22.04
CA GLN B 172 -12.09 6.18 -21.68
C GLN B 172 -12.56 6.54 -20.28
N HIS B 173 -13.84 6.32 -20.00
CA HIS B 173 -14.42 6.65 -18.71
C HIS B 173 -13.79 5.87 -17.55
N PHE B 174 -13.67 4.55 -17.73
CA PHE B 174 -13.13 3.69 -16.68
C PHE B 174 -11.65 3.94 -16.37
N THR B 175 -10.83 4.08 -17.41
CA THR B 175 -9.39 4.20 -17.21
C THR B 175 -8.96 5.58 -16.73
N HIS B 176 -9.80 6.59 -16.93
CA HIS B 176 -9.47 7.95 -16.51
C HIS B 176 -9.68 8.16 -15.02
N GLN B 177 -9.95 7.09 -14.28
CA GLN B 177 -9.98 7.19 -12.83
C GLN B 177 -8.59 6.91 -12.26
N PHE B 178 -7.75 6.23 -13.02
CA PHE B 178 -6.37 6.00 -12.57
C PHE B 178 -5.33 6.50 -13.58
N PHE B 179 -5.80 7.06 -14.68
CA PHE B 179 -4.94 7.78 -15.61
C PHE B 179 -5.24 9.28 -15.52
N LYS B 180 -4.75 9.92 -14.47
CA LYS B 180 -5.00 11.34 -14.22
C LYS B 180 -3.68 12.08 -14.13
N THR B 181 -3.11 12.40 -15.29
CA THR B 181 -1.76 12.97 -15.35
C THR B 181 -1.72 14.37 -14.78
N ASP B 182 -0.76 14.60 -13.88
CA ASP B 182 -0.56 15.91 -13.26
C ASP B 182 0.36 16.77 -14.14
N HIS B 183 -0.24 17.51 -15.07
CA HIS B 183 0.52 18.26 -16.06
C HIS B 183 1.29 19.42 -15.45
N LYS B 184 0.90 19.85 -14.26
CA LYS B 184 1.65 20.87 -13.53
C LYS B 184 3.04 20.37 -13.19
N ARG B 185 3.13 19.12 -12.76
CA ARG B 185 4.41 18.54 -12.37
C ARG B 185 5.13 17.95 -13.58
N GLY B 186 4.38 17.24 -14.43
CA GLY B 186 4.96 16.60 -15.59
C GLY B 186 4.22 15.33 -15.97
N PRO B 187 4.55 14.76 -17.14
CA PRO B 187 3.88 13.56 -17.67
C PRO B 187 4.11 12.31 -16.82
N GLY B 188 5.16 12.31 -15.99
CA GLY B 188 5.46 11.17 -15.14
C GLY B 188 4.78 11.25 -13.79
N PHE B 189 3.86 12.20 -13.63
CA PHE B 189 3.14 12.38 -12.36
C PHE B 189 1.64 12.18 -12.51
N THR B 190 1.00 11.70 -11.44
CA THR B 190 -0.43 11.42 -11.47
C THR B 190 -1.17 12.12 -10.33
N ARG B 191 -2.44 12.44 -10.57
CA ARG B 191 -3.29 13.03 -9.54
C ARG B 191 -4.16 11.95 -8.88
N GLY B 192 -4.06 10.73 -9.40
CA GLY B 192 -4.82 9.60 -8.87
C GLY B 192 -4.05 8.82 -7.84
N LEU B 193 -3.98 9.35 -6.62
CA LEU B 193 -3.16 8.77 -5.57
C LEU B 193 -3.69 7.43 -5.06
N GLY B 194 -4.89 7.06 -5.49
CA GLY B 194 -5.45 5.77 -5.14
C GLY B 194 -4.81 4.66 -5.95
N HIS B 195 -4.27 5.04 -7.11
CA HIS B 195 -3.57 4.13 -8.02
C HIS B 195 -4.36 2.86 -8.36
N GLY B 196 -5.62 3.02 -8.72
CA GLY B 196 -6.44 1.88 -9.10
C GLY B 196 -7.92 2.20 -9.16
N VAL B 197 -8.74 1.16 -9.02
CA VAL B 197 -10.17 1.30 -9.13
C VAL B 197 -10.81 1.72 -7.80
N ASP B 198 -10.83 3.03 -7.56
CA ASP B 198 -11.46 3.56 -6.35
C ASP B 198 -12.73 4.33 -6.67
N LEU B 199 -13.04 4.40 -7.96
CA LEU B 199 -14.17 5.19 -8.48
C LEU B 199 -14.10 6.66 -8.09
N ASN B 200 -12.90 7.21 -8.06
CA ASN B 200 -12.73 8.63 -7.77
C ASN B 200 -13.32 9.50 -8.88
N HIS B 201 -13.46 8.92 -10.07
CA HIS B 201 -14.04 9.65 -11.20
C HIS B 201 -15.55 9.78 -11.03
N ILE B 202 -16.09 9.11 -10.02
CA ILE B 202 -17.49 9.26 -9.65
C ILE B 202 -17.63 10.06 -8.35
N TYR B 203 -16.82 9.71 -7.35
CA TYR B 203 -16.98 10.25 -6.00
C TYR B 203 -16.01 11.39 -5.67
N GLY B 204 -15.06 11.64 -6.56
CA GLY B 204 -14.08 12.68 -6.32
C GLY B 204 -12.81 12.15 -5.69
N GLU B 205 -11.69 12.77 -6.06
CA GLU B 205 -10.38 12.37 -5.54
C GLU B 205 -10.23 12.74 -4.06
N THR B 206 -10.82 13.85 -3.66
CA THR B 206 -10.68 14.35 -2.31
C THR B 206 -12.00 14.34 -1.52
N LEU B 207 -11.88 14.25 -0.20
CA LEU B 207 -13.02 14.21 0.69
C LEU B 207 -13.86 15.49 0.57
N ASP B 208 -13.18 16.60 0.31
CA ASP B 208 -13.82 17.88 0.11
C ASP B 208 -14.72 17.84 -1.13
N ARG B 209 -14.20 17.31 -2.22
CA ARG B 209 -14.95 17.19 -3.46
C ARG B 209 -16.11 16.21 -3.31
N GLN B 210 -15.86 15.10 -2.64
CA GLN B 210 -16.88 14.10 -2.35
C GLN B 210 -18.08 14.68 -1.59
N HIS B 211 -17.80 15.43 -0.53
CA HIS B 211 -18.84 16.00 0.31
C HIS B 211 -19.70 17.03 -0.43
N LYS B 212 -19.14 17.61 -1.48
CA LYS B 212 -19.88 18.56 -2.30
C LYS B 212 -20.81 17.84 -3.27
N LEU B 213 -20.43 16.61 -3.63
CA LEU B 213 -21.22 15.81 -4.57
C LEU B 213 -22.30 15.00 -3.87
N ARG B 214 -22.17 14.83 -2.56
CA ARG B 214 -23.11 14.01 -1.81
C ARG B 214 -24.34 14.79 -1.36
N LEU B 215 -25.46 14.08 -1.27
CA LEU B 215 -26.71 14.65 -0.82
C LEU B 215 -26.80 14.64 0.71
N PHE B 216 -26.02 13.75 1.33
CA PHE B 216 -26.06 13.50 2.78
C PHE B 216 -27.46 13.12 3.26
N LYS B 217 -28.19 12.42 2.39
CA LYS B 217 -29.45 11.81 2.73
C LYS B 217 -29.53 10.46 2.03
N ASP B 218 -29.78 9.40 2.81
CA ASP B 218 -29.91 8.04 2.27
C ASP B 218 -28.65 7.53 1.56
N GLY B 219 -27.52 8.18 1.82
CA GLY B 219 -26.24 7.76 1.25
C GLY B 219 -26.06 8.19 -0.20
N LYS B 220 -26.99 8.98 -0.71
CA LYS B 220 -27.04 9.28 -2.14
C LYS B 220 -26.15 10.43 -2.57
N LEU B 221 -25.93 10.52 -3.88
CA LEU B 221 -25.24 11.65 -4.49
C LEU B 221 -26.26 12.69 -4.94
N LYS B 222 -25.85 13.96 -4.92
CA LYS B 222 -26.70 15.02 -5.43
C LYS B 222 -27.01 14.78 -6.90
N TYR B 223 -28.15 15.29 -7.35
CA TYR B 223 -28.57 15.15 -8.74
C TYR B 223 -29.59 16.22 -9.08
N GLN B 224 -29.86 16.39 -10.36
CA GLN B 224 -30.93 17.27 -10.80
C GLN B 224 -31.85 16.49 -11.74
N VAL B 225 -33.08 16.97 -11.88
CA VAL B 225 -34.03 16.33 -12.75
C VAL B 225 -34.41 17.25 -13.91
N ILE B 226 -34.01 16.88 -15.12
CA ILE B 226 -34.31 17.66 -16.31
C ILE B 226 -35.19 16.86 -17.25
N GLY B 227 -36.41 17.33 -17.47
CA GLY B 227 -37.35 16.62 -18.32
C GLY B 227 -37.73 15.26 -17.77
N GLY B 228 -37.76 15.14 -16.45
CA GLY B 228 -38.13 13.90 -15.80
C GLY B 228 -37.00 12.89 -15.75
N GLU B 229 -35.84 13.27 -16.28
CA GLU B 229 -34.69 12.38 -16.30
C GLU B 229 -33.65 12.81 -15.26
N VAL B 230 -32.99 11.83 -14.65
CA VAL B 230 -31.99 12.11 -13.63
C VAL B 230 -30.61 12.33 -14.22
N TYR B 231 -30.04 13.50 -13.93
CA TYR B 231 -28.70 13.84 -14.40
C TYR B 231 -27.84 14.28 -13.21
N PRO B 232 -26.51 14.38 -13.41
CA PRO B 232 -25.67 14.93 -12.35
C PRO B 232 -26.03 16.39 -12.04
N PRO B 233 -25.69 16.86 -10.84
CA PRO B 233 -26.00 18.24 -10.47
C PRO B 233 -25.08 19.23 -11.20
N THR B 234 -25.29 20.53 -10.99
CA THR B 234 -24.51 21.53 -11.69
C THR B 234 -23.31 21.99 -10.87
N VAL B 235 -22.43 22.74 -11.52
CA VAL B 235 -21.26 23.35 -10.88
C VAL B 235 -21.71 24.41 -9.88
N LYS B 236 -22.71 25.20 -10.29
CA LYS B 236 -23.25 26.26 -9.45
C LYS B 236 -23.81 25.73 -8.13
N ASP B 237 -24.52 24.61 -8.19
CA ASP B 237 -25.20 24.06 -7.03
C ASP B 237 -24.23 23.40 -6.05
N THR B 238 -23.24 22.69 -6.57
CA THR B 238 -22.34 21.91 -5.73
C THR B 238 -21.05 22.66 -5.38
N GLN B 239 -20.72 23.67 -6.17
CA GLN B 239 -19.44 24.38 -6.05
C GLN B 239 -18.27 23.42 -6.31
N VAL B 240 -18.52 22.45 -7.19
CA VAL B 240 -17.48 21.52 -7.61
C VAL B 240 -16.79 22.05 -8.87
N GLU B 241 -15.46 22.15 -8.81
CA GLU B 241 -14.70 22.65 -9.95
C GLU B 241 -14.72 21.66 -11.10
N MET B 242 -15.16 22.12 -12.27
CA MET B 242 -15.13 21.33 -13.48
C MET B 242 -14.42 22.10 -14.59
N ILE B 243 -14.01 21.40 -15.65
CA ILE B 243 -13.39 22.05 -16.79
C ILE B 243 -14.42 22.30 -17.89
N TYR B 244 -14.80 23.56 -18.05
CA TYR B 244 -15.75 23.96 -19.10
C TYR B 244 -15.34 25.29 -19.71
N PRO B 245 -15.44 25.40 -21.05
CA PRO B 245 -15.30 26.70 -21.70
C PRO B 245 -16.37 27.67 -21.18
N PRO B 246 -16.05 28.96 -21.09
CA PRO B 246 -16.91 29.97 -20.47
C PRO B 246 -18.31 30.08 -21.07
N HIS B 247 -18.49 29.66 -22.32
CA HIS B 247 -19.76 29.85 -23.01
C HIS B 247 -20.78 28.76 -22.69
N ILE B 248 -20.38 27.74 -21.94
CA ILE B 248 -21.28 26.65 -21.57
C ILE B 248 -22.30 27.13 -20.54
N PRO B 249 -23.60 27.04 -20.88
CA PRO B 249 -24.68 27.48 -19.99
C PRO B 249 -24.64 26.79 -18.63
N GLU B 250 -25.12 27.50 -17.60
CA GLU B 250 -25.03 27.05 -16.22
C GLU B 250 -25.61 25.66 -15.98
N ASN B 251 -26.73 25.36 -16.64
CA ASN B 251 -27.43 24.10 -16.40
C ASN B 251 -26.79 22.91 -17.11
N LEU B 252 -25.88 23.19 -18.04
CA LEU B 252 -25.20 22.12 -18.76
C LEU B 252 -23.78 21.91 -18.22
N GLN B 253 -23.41 22.68 -17.21
CA GLN B 253 -22.13 22.44 -16.53
C GLN B 253 -22.33 21.38 -15.46
N PHE B 254 -22.41 20.12 -15.88
CA PHE B 254 -22.61 19.00 -14.98
C PHE B 254 -21.39 18.77 -14.09
N ALA B 255 -21.63 18.47 -12.83
CA ALA B 255 -20.55 18.23 -11.87
C ALA B 255 -20.47 16.75 -11.51
N VAL B 256 -19.35 16.13 -11.87
CA VAL B 256 -19.11 14.73 -11.50
C VAL B 256 -17.74 14.59 -10.84
N GLY B 257 -17.37 13.36 -10.51
CA GLY B 257 -16.14 13.08 -9.81
C GLY B 257 -14.89 13.56 -10.54
N GLN B 258 -14.82 13.27 -11.83
CA GLN B 258 -13.67 13.65 -12.65
C GLN B 258 -13.92 14.98 -13.37
N GLU B 259 -12.97 15.89 -13.20
CA GLU B 259 -13.08 17.26 -13.70
C GLU B 259 -13.22 17.36 -15.22
N VAL B 260 -12.72 16.37 -15.94
CA VAL B 260 -12.65 16.47 -17.40
C VAL B 260 -13.79 15.77 -18.12
N PHE B 261 -14.73 15.19 -17.38
CA PHE B 261 -15.76 14.37 -18.01
C PHE B 261 -16.84 15.19 -18.72
N GLY B 262 -16.78 16.51 -18.59
CA GLY B 262 -17.68 17.38 -19.33
C GLY B 262 -17.19 17.61 -20.74
N LEU B 263 -15.96 17.17 -21.01
CA LEU B 263 -15.34 17.33 -22.33
C LEU B 263 -16.13 16.66 -23.44
N VAL B 264 -16.57 15.43 -23.19
CA VAL B 264 -17.29 14.66 -24.20
C VAL B 264 -18.53 14.02 -23.60
N PRO B 265 -19.68 14.15 -24.30
CA PRO B 265 -20.99 13.65 -23.86
C PRO B 265 -21.01 12.13 -23.67
N GLY B 266 -20.10 11.44 -24.34
CA GLY B 266 -19.97 10.00 -24.17
C GLY B 266 -19.53 9.65 -22.76
N LEU B 267 -18.66 10.49 -22.20
CA LEU B 267 -18.22 10.32 -20.82
C LEU B 267 -19.32 10.65 -19.84
N MET B 268 -20.07 11.71 -20.14
CA MET B 268 -21.19 12.12 -19.30
C MET B 268 -22.31 11.08 -19.30
N MET B 269 -22.41 10.33 -20.39
CA MET B 269 -23.38 9.24 -20.47
C MET B 269 -23.11 8.21 -19.38
N TYR B 270 -21.85 7.80 -19.28
CA TYR B 270 -21.46 6.82 -18.27
C TYR B 270 -21.45 7.43 -16.87
N ALA B 271 -21.10 8.71 -16.79
CA ALA B 271 -21.11 9.40 -15.51
C ALA B 271 -22.53 9.46 -14.96
N THR B 272 -23.49 9.70 -15.85
CA THR B 272 -24.90 9.72 -15.47
C THR B 272 -25.38 8.33 -15.07
N ILE B 273 -25.00 7.33 -15.86
CA ILE B 273 -25.39 5.95 -15.58
C ILE B 273 -24.89 5.47 -14.22
N TRP B 274 -23.62 5.74 -13.92
CA TRP B 274 -23.04 5.33 -12.64
C TRP B 274 -23.61 6.12 -11.46
N LEU B 275 -23.96 7.38 -11.69
CA LEU B 275 -24.61 8.19 -10.65
C LEU B 275 -25.95 7.57 -10.26
N ARG B 276 -26.73 7.18 -11.27
CA ARG B 276 -28.01 6.54 -11.02
C ARG B 276 -27.84 5.20 -10.32
N GLU B 277 -26.77 4.48 -10.68
CA GLU B 277 -26.50 3.17 -10.10
C GLU B 277 -26.21 3.28 -8.61
N HIS B 278 -25.44 4.29 -8.23
CA HIS B 278 -25.13 4.53 -6.84
C HIS B 278 -26.39 4.76 -6.02
N ASN B 279 -27.25 5.65 -6.52
CA ASN B 279 -28.48 5.97 -5.82
C ASN B 279 -29.44 4.78 -5.82
N ARG B 280 -29.38 3.96 -6.85
CA ARG B 280 -30.19 2.75 -6.92
C ARG B 280 -29.78 1.79 -5.82
N VAL B 281 -28.47 1.63 -5.64
CA VAL B 281 -27.95 0.73 -4.63
C VAL B 281 -28.32 1.24 -3.23
N CYS B 282 -28.27 2.56 -3.06
CA CYS B 282 -28.73 3.20 -1.82
C CYS B 282 -30.15 2.78 -1.47
N ASP B 283 -31.04 2.82 -2.46
CA ASP B 283 -32.42 2.42 -2.27
C ASP B 283 -32.52 0.95 -1.85
N ILE B 284 -31.75 0.10 -2.51
CA ILE B 284 -31.70 -1.32 -2.16
C ILE B 284 -31.24 -1.51 -0.71
N LEU B 285 -30.13 -0.86 -0.37
CA LEU B 285 -29.54 -1.00 0.97
C LEU B 285 -30.41 -0.38 2.06
N LYS B 286 -31.09 0.72 1.75
CA LYS B 286 -31.98 1.36 2.71
C LYS B 286 -33.16 0.45 3.06
N GLN B 287 -33.62 -0.30 2.07
CA GLN B 287 -34.69 -1.28 2.27
C GLN B 287 -34.20 -2.43 3.15
N GLU B 288 -32.96 -2.86 2.91
CA GLU B 288 -32.34 -3.93 3.69
C GLU B 288 -32.00 -3.48 5.10
N HIS B 289 -31.55 -2.23 5.21
CA HIS B 289 -31.13 -1.69 6.49
C HIS B 289 -31.81 -0.36 6.81
N PRO B 290 -33.06 -0.41 7.30
CA PRO B 290 -33.80 0.79 7.71
C PRO B 290 -33.06 1.55 8.81
N GLU B 291 -32.22 0.84 9.56
CA GLU B 291 -31.55 1.40 10.72
C GLU B 291 -30.25 2.13 10.36
N TRP B 292 -29.75 1.91 9.15
CA TRP B 292 -28.50 2.51 8.73
C TRP B 292 -28.62 4.02 8.54
N GLY B 293 -27.51 4.71 8.73
CA GLY B 293 -27.46 6.15 8.51
C GLY B 293 -26.91 6.49 7.14
N ASP B 294 -26.87 7.78 6.82
CA ASP B 294 -26.42 8.25 5.51
C ASP B 294 -24.99 7.83 5.18
N GLU B 295 -24.09 7.95 6.16
CA GLU B 295 -22.68 7.69 5.93
C GLU B 295 -22.42 6.23 5.57
N GLN B 296 -23.04 5.31 6.31
CA GLN B 296 -22.82 3.88 6.05
C GLN B 296 -23.45 3.46 4.73
N LEU B 297 -24.59 4.06 4.39
CA LEU B 297 -25.24 3.78 3.11
C LEU B 297 -24.35 4.19 1.94
N PHE B 298 -23.71 5.34 2.07
CA PHE B 298 -22.83 5.84 1.01
C PHE B 298 -21.59 4.97 0.85
N GLN B 299 -20.93 4.68 1.95
CA GLN B 299 -19.68 3.92 1.92
C GLN B 299 -19.90 2.51 1.40
N THR B 300 -21.02 1.91 1.79
CA THR B 300 -21.33 0.55 1.39
C THR B 300 -21.72 0.49 -0.08
N SER B 301 -22.42 1.52 -0.55
CA SER B 301 -22.76 1.62 -1.95
C SER B 301 -21.50 1.77 -2.80
N ARG B 302 -20.55 2.54 -2.29
CA ARG B 302 -19.29 2.77 -3.00
C ARG B 302 -18.53 1.45 -3.16
N LEU B 303 -18.49 0.66 -2.09
CA LEU B 303 -17.81 -0.64 -2.15
C LEU B 303 -18.49 -1.57 -3.14
N ILE B 304 -19.82 -1.54 -3.17
CA ILE B 304 -20.59 -2.35 -4.09
C ILE B 304 -20.31 -1.94 -5.54
N LEU B 305 -20.31 -0.64 -5.80
CA LEU B 305 -20.06 -0.13 -7.15
C LEU B 305 -18.64 -0.41 -7.61
N ILE B 306 -17.69 -0.40 -6.68
CA ILE B 306 -16.33 -0.78 -7.00
C ILE B 306 -16.31 -2.23 -7.48
N GLY B 307 -16.98 -3.11 -6.73
CA GLY B 307 -17.12 -4.50 -7.12
C GLY B 307 -17.80 -4.70 -8.46
N GLU B 308 -18.87 -3.94 -8.72
CA GLU B 308 -19.56 -3.99 -10.00
C GLU B 308 -18.62 -3.69 -11.14
N THR B 309 -17.82 -2.64 -10.97
CA THR B 309 -16.86 -2.20 -11.98
C THR B 309 -15.88 -3.29 -12.34
N ILE B 310 -15.24 -3.87 -11.32
CA ILE B 310 -14.26 -4.93 -11.53
C ILE B 310 -14.89 -6.13 -12.21
N LYS B 311 -16.06 -6.53 -11.71
CA LYS B 311 -16.86 -7.59 -12.31
C LYS B 311 -17.11 -7.33 -13.80
N ILE B 312 -17.64 -6.16 -14.12
CA ILE B 312 -17.95 -5.78 -15.50
C ILE B 312 -16.70 -5.70 -16.37
N VAL B 313 -15.66 -5.05 -15.86
CA VAL B 313 -14.41 -4.90 -16.59
C VAL B 313 -13.80 -6.26 -16.97
N ILE B 314 -13.86 -7.22 -16.06
CA ILE B 314 -13.31 -8.54 -16.34
C ILE B 314 -14.18 -9.36 -17.31
N GLU B 315 -15.45 -9.49 -16.99
CA GLU B 315 -16.31 -10.46 -17.68
C GLU B 315 -16.99 -9.92 -18.93
N ASP B 316 -16.98 -8.61 -19.11
CA ASP B 316 -17.55 -8.01 -20.32
C ASP B 316 -16.50 -7.27 -21.15
N TYR B 317 -15.73 -6.41 -20.48
CA TYR B 317 -14.78 -5.53 -21.14
C TYR B 317 -13.52 -6.28 -21.61
N VAL B 318 -12.80 -6.89 -20.68
CA VAL B 318 -11.60 -7.66 -21.04
C VAL B 318 -12.00 -8.90 -21.85
N GLN B 319 -13.16 -9.47 -21.52
CA GLN B 319 -13.68 -10.62 -22.25
C GLN B 319 -13.80 -10.31 -23.73
N HIS B 320 -14.34 -9.14 -24.04
CA HIS B 320 -14.49 -8.68 -25.41
C HIS B 320 -13.13 -8.50 -26.08
N LEU B 321 -12.22 -7.80 -25.41
CA LEU B 321 -10.89 -7.52 -25.92
C LEU B 321 -10.11 -8.80 -26.24
N SER B 322 -10.24 -9.79 -25.37
CA SER B 322 -9.50 -11.04 -25.50
C SER B 322 -9.85 -11.78 -26.78
N GLY B 323 -11.15 -11.85 -27.08
CA GLY B 323 -11.62 -12.62 -28.21
C GLY B 323 -11.59 -14.11 -27.89
N TYR B 324 -11.50 -14.43 -26.61
CA TYR B 324 -11.49 -15.82 -26.16
C TYR B 324 -12.89 -16.41 -26.20
N HIS B 325 -12.97 -17.73 -26.38
CA HIS B 325 -14.23 -18.43 -26.24
C HIS B 325 -14.45 -18.77 -24.78
N PHE B 326 -13.35 -18.85 -24.03
CA PHE B 326 -13.41 -19.06 -22.59
C PHE B 326 -13.98 -17.85 -21.89
N LYS B 327 -14.97 -18.05 -21.03
CA LYS B 327 -15.60 -16.96 -20.29
C LYS B 327 -14.80 -16.60 -19.06
N LEU B 328 -14.09 -15.48 -19.12
CA LEU B 328 -13.33 -14.98 -17.98
C LEU B 328 -14.27 -14.79 -16.79
N LYS B 329 -13.74 -15.04 -15.60
CA LYS B 329 -14.56 -15.00 -14.40
C LYS B 329 -13.96 -14.09 -13.33
N PHE B 330 -14.79 -13.30 -12.69
CA PHE B 330 -14.35 -12.51 -11.54
C PHE B 330 -14.63 -13.27 -10.26
N ASP B 331 -13.58 -13.78 -9.64
CA ASP B 331 -13.71 -14.53 -8.41
C ASP B 331 -12.44 -14.45 -7.58
N PRO B 332 -12.41 -13.50 -6.62
CA PRO B 332 -11.27 -13.27 -5.73
C PRO B 332 -10.82 -14.53 -4.98
N GLU B 333 -11.72 -15.48 -4.75
CA GLU B 333 -11.40 -16.70 -4.01
C GLU B 333 -10.33 -17.54 -4.69
N LEU B 334 -10.16 -17.34 -6.00
CA LEU B 334 -9.18 -18.11 -6.77
C LEU B 334 -7.74 -17.73 -6.44
N LEU B 335 -7.55 -16.60 -5.75
CA LEU B 335 -6.22 -16.14 -5.40
C LEU B 335 -5.93 -16.29 -3.90
N PHE B 336 -6.90 -16.78 -3.15
CA PHE B 336 -6.76 -16.89 -1.70
C PHE B 336 -5.66 -17.87 -1.30
N ASN B 337 -5.40 -18.84 -2.17
CA ASN B 337 -4.37 -19.85 -1.89
C ASN B 337 -3.08 -19.56 -2.66
N GLN B 338 -2.98 -18.34 -3.21
CA GLN B 338 -1.84 -17.98 -4.04
C GLN B 338 -0.99 -16.90 -3.39
N GLN B 339 0.15 -16.62 -4.00
CA GLN B 339 1.04 -15.55 -3.52
C GLN B 339 0.76 -14.24 -4.25
N PHE B 340 -0.34 -13.60 -3.91
CA PHE B 340 -0.74 -12.38 -4.59
C PHE B 340 -0.66 -11.17 -3.65
N GLN B 341 -0.12 -10.07 -4.15
CA GLN B 341 -0.05 -8.83 -3.38
C GLN B 341 -1.28 -7.96 -3.64
N TYR B 342 -2.08 -7.72 -2.61
CA TYR B 342 -3.26 -6.87 -2.74
C TYR B 342 -2.90 -5.40 -2.66
N GLN B 343 -2.19 -4.93 -3.68
CA GLN B 343 -1.79 -3.54 -3.81
C GLN B 343 -1.46 -3.26 -5.26
N ASN B 344 -1.46 -2.00 -5.65
CA ASN B 344 -1.14 -1.65 -7.01
C ASN B 344 -0.54 -0.25 -7.12
N ARG B 345 0.33 -0.08 -8.12
CA ARG B 345 0.89 1.22 -8.44
C ARG B 345 0.80 1.39 -9.95
N ILE B 346 0.20 2.47 -10.40
CA ILE B 346 -0.04 2.65 -11.83
C ILE B 346 1.26 2.94 -12.58
N ALA B 347 1.55 2.11 -13.58
CA ALA B 347 2.76 2.27 -14.38
C ALA B 347 2.54 3.30 -15.47
N SER B 348 3.56 4.11 -15.71
CA SER B 348 3.50 5.13 -16.75
C SER B 348 3.29 4.48 -18.11
N GLU B 349 3.91 3.32 -18.32
CA GLU B 349 3.81 2.61 -19.59
C GLU B 349 2.41 2.04 -19.81
N PHE B 350 1.72 1.72 -18.72
CA PHE B 350 0.34 1.25 -18.77
C PHE B 350 -0.55 2.37 -19.30
N ASN B 351 -0.27 3.58 -18.83
CA ASN B 351 -0.92 4.79 -19.32
C ASN B 351 -0.64 5.02 -20.81
N THR B 352 0.64 4.91 -21.18
CA THR B 352 1.07 5.15 -22.56
C THR B 352 0.42 4.19 -23.55
N LEU B 353 0.41 2.90 -23.23
CA LEU B 353 -0.16 1.91 -24.14
C LEU B 353 -1.68 2.07 -24.27
N TYR B 354 -2.30 2.73 -23.30
CA TYR B 354 -3.75 2.90 -23.29
C TYR B 354 -4.20 4.14 -24.06
N HIS B 355 -3.29 4.78 -24.77
CA HIS B 355 -3.66 5.90 -25.62
C HIS B 355 -4.28 5.39 -26.91
N TRP B 356 -5.49 4.86 -26.80
CA TRP B 356 -6.18 4.24 -27.92
C TRP B 356 -6.96 5.26 -28.75
N HIS B 357 -6.27 6.29 -29.21
CA HIS B 357 -6.84 7.29 -30.10
C HIS B 357 -7.50 6.73 -31.37
N PRO B 358 -6.89 5.71 -32.02
CA PRO B 358 -7.54 5.19 -33.24
C PRO B 358 -8.96 4.64 -33.01
N LEU B 359 -9.32 4.38 -31.77
CA LEU B 359 -10.65 3.90 -31.44
C LEU B 359 -11.73 4.88 -31.89
N LEU B 360 -11.42 6.17 -31.79
CA LEU B 360 -12.36 7.24 -32.13
C LEU B 360 -12.76 7.22 -33.60
N PRO B 361 -14.07 7.40 -33.88
CA PRO B 361 -14.61 7.43 -35.23
C PRO B 361 -14.48 8.81 -35.87
N ASP B 362 -14.81 8.92 -37.16
CA ASP B 362 -14.77 10.21 -37.85
C ASP B 362 -15.90 11.11 -37.38
N THR B 363 -17.07 10.52 -37.14
CA THR B 363 -18.21 11.25 -36.59
C THR B 363 -18.86 10.45 -35.46
N PHE B 364 -19.67 11.14 -34.66
CA PHE B 364 -20.40 10.47 -33.59
C PHE B 364 -21.87 10.38 -33.99
N ASN B 365 -22.28 9.17 -34.38
CA ASN B 365 -23.62 8.95 -34.94
C ASN B 365 -24.66 8.65 -33.87
N ILE B 366 -25.50 9.64 -33.57
CA ILE B 366 -26.56 9.47 -32.60
C ILE B 366 -27.91 9.67 -33.26
N GLU B 367 -28.76 8.66 -33.18
CA GLU B 367 -30.07 8.67 -33.82
C GLU B 367 -29.93 8.94 -35.32
N ASP B 368 -30.39 10.11 -35.77
CA ASP B 368 -30.30 10.48 -37.17
C ASP B 368 -29.26 11.57 -37.41
N GLN B 369 -28.42 11.82 -36.42
CA GLN B 369 -27.40 12.85 -36.53
C GLN B 369 -26.00 12.27 -36.62
N GLU B 370 -25.11 12.99 -37.29
CA GLU B 370 -23.70 12.61 -37.36
C GLU B 370 -22.84 13.80 -36.94
N TYR B 371 -22.44 13.82 -35.68
CA TYR B 371 -21.73 14.96 -35.11
C TYR B 371 -20.23 14.91 -35.36
N SER B 372 -19.65 16.03 -35.75
CA SER B 372 -18.21 16.15 -35.90
C SER B 372 -17.57 16.35 -34.52
N PHE B 373 -16.25 16.27 -34.47
CA PHE B 373 -15.53 16.47 -33.22
C PHE B 373 -15.79 17.86 -32.63
N LYS B 374 -15.84 18.86 -33.50
CA LYS B 374 -16.06 20.25 -33.09
C LYS B 374 -17.42 20.40 -32.41
N GLN B 375 -18.42 19.71 -32.96
CA GLN B 375 -19.78 19.79 -32.46
C GLN B 375 -19.98 18.95 -31.21
N PHE B 376 -19.21 17.89 -31.08
CA PHE B 376 -19.39 16.92 -30.01
C PHE B 376 -18.77 17.38 -28.69
N LEU B 377 -17.61 18.02 -28.79
CA LEU B 377 -16.85 18.44 -27.59
C LEU B 377 -17.61 19.43 -26.72
N TYR B 378 -17.63 19.15 -25.41
CA TYR B 378 -18.24 20.01 -24.41
C TYR B 378 -19.71 20.32 -24.68
N ASN B 379 -20.37 19.45 -25.43
CA ASN B 379 -21.76 19.69 -25.81
C ASN B 379 -22.72 18.70 -25.16
N ASN B 380 -23.04 18.94 -23.90
CA ASN B 380 -23.95 18.05 -23.17
C ASN B 380 -25.41 18.20 -23.58
N SER B 381 -25.72 19.24 -24.35
CA SER B 381 -27.08 19.43 -24.83
C SER B 381 -27.49 18.30 -25.76
N ILE B 382 -26.50 17.71 -26.44
CA ILE B 382 -26.71 16.54 -27.28
C ILE B 382 -27.23 15.38 -26.45
N LEU B 383 -26.65 15.21 -25.27
CA LEU B 383 -27.06 14.17 -24.34
C LEU B 383 -28.50 14.37 -23.88
N LEU B 384 -28.89 15.62 -23.64
CA LEU B 384 -30.23 15.93 -23.18
C LEU B 384 -31.26 15.83 -24.30
N GLU B 385 -30.89 16.29 -25.48
CA GLU B 385 -31.82 16.28 -26.62
C GLU B 385 -32.18 14.85 -27.02
N HIS B 386 -31.19 13.98 -27.13
CA HIS B 386 -31.40 12.60 -27.55
C HIS B 386 -31.78 11.69 -26.38
N GLY B 387 -31.21 11.97 -25.21
CA GLY B 387 -31.48 11.17 -24.03
C GLY B 387 -30.58 9.96 -23.92
N LEU B 388 -30.53 9.35 -22.74
CA LEU B 388 -29.66 8.20 -22.48
C LEU B 388 -30.02 6.97 -23.30
N THR B 389 -31.32 6.76 -23.50
CA THR B 389 -31.78 5.58 -24.22
C THR B 389 -31.27 5.58 -25.65
N GLN B 390 -31.43 6.71 -26.34
CA GLN B 390 -30.96 6.84 -27.72
C GLN B 390 -29.44 6.78 -27.81
N PHE B 391 -28.76 7.32 -26.80
CA PHE B 391 -27.31 7.26 -26.73
C PHE B 391 -26.80 5.82 -26.73
N VAL B 392 -27.41 4.99 -25.87
CA VAL B 392 -27.02 3.60 -25.74
C VAL B 392 -27.33 2.82 -27.01
N GLU B 393 -28.53 3.00 -27.54
CA GLU B 393 -28.94 2.33 -28.77
C GLU B 393 -28.02 2.69 -29.94
N SER B 394 -27.65 3.97 -30.04
CA SER B 394 -26.81 4.43 -31.13
C SER B 394 -25.36 3.98 -30.99
N PHE B 395 -24.78 4.20 -29.81
CA PHE B 395 -23.38 3.84 -29.59
C PHE B 395 -23.16 2.33 -29.61
N THR B 396 -24.22 1.57 -29.37
CA THR B 396 -24.13 0.11 -29.47
C THR B 396 -23.98 -0.30 -30.92
N ARG B 397 -24.58 0.47 -31.82
CA ARG B 397 -24.55 0.15 -33.25
C ARG B 397 -23.30 0.69 -33.96
N GLN B 398 -22.75 1.78 -33.47
CA GLN B 398 -21.61 2.41 -34.15
C GLN B 398 -20.29 1.72 -33.83
N ILE B 399 -19.61 1.25 -34.86
CA ILE B 399 -18.34 0.53 -34.69
C ILE B 399 -17.20 1.50 -34.40
N ALA B 400 -16.22 1.03 -33.63
CA ALA B 400 -15.03 1.82 -33.31
C ALA B 400 -13.89 1.50 -34.26
N GLY B 401 -12.83 2.29 -34.20
CA GLY B 401 -11.70 2.11 -35.08
C GLY B 401 -10.68 1.10 -34.58
N ARG B 402 -9.91 0.54 -35.51
CA ARG B 402 -8.86 -0.41 -35.17
C ARG B 402 -7.64 0.29 -34.57
N VAL B 403 -7.14 -0.23 -33.47
CA VAL B 403 -6.04 0.42 -32.74
C VAL B 403 -4.67 0.07 -33.35
N ALA B 404 -4.43 -1.22 -33.57
CA ALA B 404 -3.20 -1.64 -34.24
C ALA B 404 -3.38 -1.55 -35.75
N GLY B 405 -2.32 -1.88 -36.49
CA GLY B 405 -2.40 -1.93 -37.93
C GLY B 405 -1.94 -0.66 -38.62
N GLY B 406 -1.85 0.42 -37.85
CA GLY B 406 -1.29 1.67 -38.34
C GLY B 406 -2.26 2.58 -39.04
N ARG B 407 -1.89 3.87 -39.10
CA ARG B 407 -2.61 4.88 -39.87
C ARG B 407 -4.11 4.90 -39.61
N ASN B 408 -4.50 5.09 -38.36
CA ASN B 408 -5.91 5.16 -38.01
C ASN B 408 -6.19 6.14 -36.88
N VAL B 409 -5.24 7.03 -36.62
CA VAL B 409 -5.44 8.09 -35.64
C VAL B 409 -6.14 9.28 -36.27
N PRO B 410 -7.32 9.65 -35.75
CA PRO B 410 -8.09 10.77 -36.27
C PRO B 410 -7.31 12.08 -36.20
N ILE B 411 -7.35 12.86 -37.28
CA ILE B 411 -6.60 14.11 -37.36
C ILE B 411 -7.07 15.12 -36.31
N ALA B 412 -8.28 14.94 -35.82
CA ALA B 412 -8.84 15.83 -34.80
C ALA B 412 -8.05 15.73 -33.50
N VAL B 413 -7.51 14.55 -33.20
CA VAL B 413 -6.72 14.35 -31.99
C VAL B 413 -5.23 14.22 -32.31
N GLN B 414 -4.83 14.87 -33.41
CA GLN B 414 -3.45 14.88 -33.90
C GLN B 414 -2.44 15.32 -32.84
N ALA B 415 -2.76 16.39 -32.12
CA ALA B 415 -1.86 16.96 -31.13
C ALA B 415 -1.71 16.03 -29.92
N VAL B 416 -2.76 15.27 -29.63
CA VAL B 416 -2.73 14.33 -28.51
C VAL B 416 -1.80 13.15 -28.81
N ALA B 417 -1.86 12.65 -30.04
CA ALA B 417 -1.03 11.53 -30.46
C ALA B 417 0.45 11.93 -30.48
N LYS B 418 0.74 13.13 -30.96
CA LYS B 418 2.11 13.62 -31.01
C LYS B 418 2.64 13.86 -29.60
N ALA B 419 1.77 14.31 -28.70
CA ALA B 419 2.14 14.52 -27.32
C ALA B 419 2.51 13.20 -26.64
N SER B 420 1.87 12.12 -27.06
CA SER B 420 2.17 10.80 -26.53
C SER B 420 3.59 10.38 -26.89
N ILE B 421 4.00 10.75 -28.10
CA ILE B 421 5.36 10.47 -28.56
C ILE B 421 6.36 11.35 -27.82
N ASP B 422 6.08 12.65 -27.79
CA ASP B 422 6.98 13.63 -27.18
C ASP B 422 7.19 13.36 -25.69
N GLN B 423 6.10 13.11 -24.98
CA GLN B 423 6.16 12.90 -23.54
C GLN B 423 6.85 11.58 -23.20
N SER B 424 6.72 10.58 -24.06
CA SER B 424 7.46 9.33 -23.90
C SER B 424 8.96 9.58 -23.96
N ARG B 425 9.35 10.53 -24.81
CA ARG B 425 10.76 10.89 -24.96
C ARG B 425 11.22 11.74 -23.78
N GLU B 426 10.34 12.60 -23.29
CA GLU B 426 10.65 13.41 -22.11
C GLU B 426 10.89 12.52 -20.90
N MET B 427 10.10 11.47 -20.78
CA MET B 427 10.21 10.53 -19.67
C MET B 427 11.29 9.48 -19.91
N LYS B 428 11.97 9.61 -21.05
CA LYS B 428 13.10 8.76 -21.40
C LYS B 428 12.74 7.27 -21.41
N TYR B 429 11.67 6.93 -22.12
CA TYR B 429 11.28 5.53 -22.30
C TYR B 429 12.37 4.76 -23.02
N GLN B 430 12.61 3.52 -22.61
CA GLN B 430 13.47 2.64 -23.36
C GLN B 430 12.72 2.18 -24.61
N SER B 431 13.44 1.50 -25.50
CA SER B 431 12.88 1.13 -26.80
C SER B 431 11.81 0.05 -26.71
N LEU B 432 11.10 -0.15 -27.82
CA LEU B 432 10.11 -1.21 -27.95
C LEU B 432 10.68 -2.59 -27.61
N ASN B 433 11.83 -2.91 -28.20
CA ASN B 433 12.43 -4.23 -27.99
C ASN B 433 12.92 -4.46 -26.56
N GLU B 434 13.31 -3.38 -25.86
CA GLU B 434 13.67 -3.51 -24.46
C GLU B 434 12.43 -3.83 -23.63
N TYR B 435 11.29 -3.27 -24.03
CA TYR B 435 10.02 -3.53 -23.33
C TYR B 435 9.45 -4.90 -23.70
N ARG B 436 9.83 -5.41 -24.86
CA ARG B 436 9.37 -6.74 -25.27
C ARG B 436 10.12 -7.82 -24.48
N LYS B 437 11.43 -7.62 -24.34
CA LYS B 437 12.24 -8.53 -23.52
C LYS B 437 11.83 -8.47 -22.05
N ARG B 438 11.48 -7.26 -21.59
CA ARG B 438 11.01 -7.05 -20.22
C ARG B 438 9.76 -7.88 -19.94
N PHE B 439 8.94 -8.10 -20.97
CA PHE B 439 7.73 -8.89 -20.81
C PHE B 439 7.82 -10.24 -21.51
N SER B 440 9.05 -10.77 -21.60
CA SER B 440 9.32 -12.11 -22.12
C SER B 440 8.91 -12.32 -23.57
N LEU B 441 9.01 -11.26 -24.38
CA LEU B 441 8.71 -11.37 -25.80
C LEU B 441 9.99 -11.33 -26.62
N LYS B 442 9.95 -11.96 -27.79
CA LYS B 442 11.09 -11.96 -28.69
C LYS B 442 11.21 -10.61 -29.38
N PRO B 443 12.42 -10.01 -29.35
CA PRO B 443 12.67 -8.73 -30.01
C PRO B 443 12.38 -8.80 -31.52
N TYR B 444 11.83 -7.74 -32.08
CA TYR B 444 11.64 -7.70 -33.52
C TYR B 444 12.99 -7.55 -34.23
N THR B 445 13.16 -8.27 -35.34
CA THR B 445 14.42 -8.28 -36.07
C THR B 445 14.41 -7.30 -37.23
N SER B 446 13.22 -6.84 -37.59
CA SER B 446 13.06 -5.86 -38.66
C SER B 446 11.76 -5.10 -38.50
N PHE B 447 11.61 -4.02 -39.25
CA PHE B 447 10.39 -3.22 -39.20
C PHE B 447 9.25 -3.93 -39.93
N GLU B 448 9.60 -4.82 -40.85
CA GLU B 448 8.61 -5.59 -41.58
C GLU B 448 7.98 -6.66 -40.70
N GLU B 449 8.79 -7.25 -39.81
CA GLU B 449 8.27 -8.20 -38.83
C GLU B 449 7.32 -7.49 -37.87
N LEU B 450 7.62 -6.23 -37.58
CA LEU B 450 6.79 -5.43 -36.65
C LEU B 450 5.41 -5.12 -37.24
N THR B 451 5.37 -4.75 -38.51
CA THR B 451 4.13 -4.29 -39.12
C THR B 451 3.45 -5.38 -39.96
N GLY B 452 4.19 -6.42 -40.32
CA GLY B 452 3.67 -7.47 -41.17
C GLY B 452 3.29 -6.93 -42.54
N GLU B 453 3.99 -5.87 -42.94
CA GLU B 453 3.61 -5.06 -44.08
C GLU B 453 4.88 -4.37 -44.59
N LYS B 454 4.85 -3.78 -45.79
CA LYS B 454 6.07 -3.24 -46.38
C LYS B 454 6.16 -1.71 -46.43
N GLU B 455 5.04 -1.05 -46.71
CA GLU B 455 5.07 0.40 -46.93
C GLU B 455 5.43 1.18 -45.67
N MET B 456 4.71 0.92 -44.58
CA MET B 456 4.99 1.59 -43.31
C MET B 456 6.35 1.18 -42.76
N ALA B 457 6.68 -0.10 -42.92
CA ALA B 457 7.97 -0.62 -42.50
C ALA B 457 9.13 0.16 -43.16
N ALA B 458 8.98 0.44 -44.44
CA ALA B 458 9.99 1.18 -45.19
C ALA B 458 10.10 2.62 -44.70
N GLU B 459 8.96 3.24 -44.39
CA GLU B 459 8.96 4.59 -43.85
C GLU B 459 9.63 4.62 -42.48
N LEU B 460 9.34 3.61 -41.66
CA LEU B 460 9.91 3.50 -40.33
C LEU B 460 11.40 3.21 -40.38
N LYS B 461 11.82 2.45 -41.40
CA LYS B 461 13.21 2.10 -41.57
C LYS B 461 14.05 3.33 -41.83
N ALA B 462 13.52 4.23 -42.68
CA ALA B 462 14.22 5.45 -43.02
C ALA B 462 14.28 6.41 -41.83
N LEU B 463 13.23 6.42 -41.04
CA LEU B 463 13.13 7.34 -39.90
C LEU B 463 13.95 6.91 -38.69
N TYR B 464 13.96 5.61 -38.39
CA TYR B 464 14.61 5.10 -37.18
C TYR B 464 15.94 4.38 -37.42
N SER B 465 16.14 3.89 -38.65
CA SER B 465 17.35 3.14 -39.05
C SER B 465 17.53 1.80 -38.34
N ASP B 466 17.43 1.80 -37.01
CA ASP B 466 17.60 0.57 -36.23
C ASP B 466 16.28 0.16 -35.58
N ILE B 467 15.92 -1.11 -35.74
CA ILE B 467 14.70 -1.65 -35.15
C ILE B 467 14.80 -1.64 -33.61
N ASP B 468 16.01 -1.68 -33.09
CA ASP B 468 16.24 -1.70 -31.64
C ASP B 468 16.09 -0.32 -31.00
N VAL B 469 15.83 0.70 -31.80
CA VAL B 469 15.56 2.03 -31.25
C VAL B 469 14.17 2.52 -31.66
N MET B 470 13.36 1.61 -32.19
CA MET B 470 11.95 1.91 -32.46
C MET B 470 11.25 2.19 -31.14
N GLU B 471 10.36 3.19 -31.12
CA GLU B 471 9.71 3.61 -29.88
C GLU B 471 8.47 2.78 -29.55
N LEU B 472 8.15 2.69 -28.27
CA LEU B 472 7.07 1.83 -27.79
C LEU B 472 5.69 2.24 -28.29
N TYR B 473 5.32 3.49 -28.08
CA TYR B 473 3.97 3.95 -28.42
C TYR B 473 3.64 3.92 -29.92
N PRO B 474 4.54 4.44 -30.79
CA PRO B 474 4.20 4.34 -32.22
C PRO B 474 4.14 2.89 -32.70
N ALA B 475 4.92 2.02 -32.09
CA ALA B 475 4.96 0.62 -32.48
C ALA B 475 3.64 -0.07 -32.18
N LEU B 476 3.04 0.25 -31.03
CA LEU B 476 1.78 -0.38 -30.63
C LEU B 476 0.66 -0.07 -31.61
N LEU B 477 0.74 1.11 -32.24
CA LEU B 477 -0.31 1.56 -33.14
C LEU B 477 -0.08 1.08 -34.57
N VAL B 478 1.17 0.77 -34.93
CA VAL B 478 1.44 0.29 -36.28
C VAL B 478 1.73 -1.22 -36.32
N GLU B 479 1.77 -1.85 -35.14
CA GLU B 479 2.09 -3.28 -35.04
C GLU B 479 1.09 -4.12 -35.82
N LYS B 480 1.58 -5.18 -36.45
CA LYS B 480 0.71 -6.15 -37.09
C LYS B 480 -0.24 -6.75 -36.05
N PRO B 481 -1.55 -6.49 -36.22
CA PRO B 481 -2.52 -7.01 -35.26
C PRO B 481 -2.67 -8.52 -35.37
N ARG B 482 -3.15 -9.16 -34.30
CA ARG B 482 -3.52 -10.56 -34.33
C ARG B 482 -4.60 -10.75 -35.41
N PRO B 483 -4.73 -11.98 -35.95
CA PRO B 483 -5.69 -12.21 -37.04
C PRO B 483 -7.10 -11.72 -36.71
N ASP B 484 -7.57 -10.75 -37.48
CA ASP B 484 -8.91 -10.16 -37.31
C ASP B 484 -9.11 -9.58 -35.91
N ALA B 485 -8.04 -9.04 -35.34
CA ALA B 485 -8.09 -8.51 -33.99
C ALA B 485 -7.85 -7.01 -33.98
N ILE B 486 -8.05 -6.39 -32.82
CA ILE B 486 -7.90 -4.95 -32.68
C ILE B 486 -6.49 -4.58 -32.23
N PHE B 487 -5.78 -5.53 -31.62
CA PHE B 487 -4.48 -5.27 -31.04
C PHE B 487 -3.39 -6.16 -31.62
N GLY B 488 -2.14 -5.73 -31.43
CA GLY B 488 -1.00 -6.57 -31.77
C GLY B 488 -0.53 -7.32 -30.54
N GLU B 489 0.51 -8.13 -30.69
CA GLU B 489 1.04 -8.93 -29.60
C GLU B 489 1.50 -8.10 -28.41
N THR B 490 2.24 -7.03 -28.70
CA THR B 490 2.87 -6.23 -27.66
C THR B 490 1.83 -5.54 -26.76
N MET B 491 0.73 -5.11 -27.36
CA MET B 491 -0.34 -4.46 -26.62
C MET B 491 -0.95 -5.39 -25.59
N VAL B 492 -1.22 -6.63 -26.00
CA VAL B 492 -1.87 -7.62 -25.14
C VAL B 492 -0.95 -8.11 -24.04
N GLU B 493 0.31 -8.40 -24.39
CA GLU B 493 1.24 -9.00 -23.44
C GLU B 493 1.68 -8.01 -22.36
N LEU B 494 1.54 -6.72 -22.63
CA LEU B 494 1.84 -5.69 -21.64
C LEU B 494 0.57 -5.24 -20.92
N GLY B 495 -0.51 -5.06 -21.68
CA GLY B 495 -1.76 -4.55 -21.13
C GLY B 495 -2.43 -5.48 -20.15
N ALA B 496 -2.50 -6.76 -20.49
CA ALA B 496 -3.18 -7.75 -19.65
C ALA B 496 -2.60 -7.86 -18.23
N PRO B 497 -1.26 -7.96 -18.07
CA PRO B 497 -0.75 -8.05 -16.70
C PRO B 497 -1.03 -6.80 -15.87
N PHE B 498 -0.92 -5.63 -16.49
CA PHE B 498 -1.20 -4.36 -15.80
C PHE B 498 -2.65 -4.27 -15.38
N SER B 499 -3.55 -4.67 -16.28
CA SER B 499 -4.99 -4.59 -16.03
C SER B 499 -5.40 -5.49 -14.87
N LEU B 500 -5.05 -6.77 -14.96
CA LEU B 500 -5.47 -7.74 -13.96
C LEU B 500 -4.85 -7.43 -12.61
N LYS B 501 -3.66 -6.86 -12.62
CA LYS B 501 -2.99 -6.47 -11.39
C LYS B 501 -3.76 -5.34 -10.71
N GLY B 502 -4.25 -4.40 -11.50
CA GLY B 502 -5.00 -3.27 -10.96
C GLY B 502 -6.40 -3.67 -10.51
N LEU B 503 -6.95 -4.69 -11.15
CA LEU B 503 -8.30 -5.15 -10.85
C LEU B 503 -8.35 -6.07 -9.62
N MET B 504 -7.48 -7.07 -9.60
CA MET B 504 -7.48 -8.05 -8.52
C MET B 504 -6.73 -7.54 -7.30
N GLY B 505 -5.82 -6.58 -7.51
CA GLY B 505 -5.04 -6.01 -6.43
C GLY B 505 -5.85 -5.13 -5.51
N ASN B 506 -7.09 -4.82 -5.90
CA ASN B 506 -7.99 -4.01 -5.10
C ASN B 506 -8.27 -4.67 -3.74
N PRO B 507 -8.29 -3.88 -2.66
CA PRO B 507 -8.51 -4.39 -1.30
C PRO B 507 -9.82 -5.19 -1.13
N ILE B 508 -10.84 -4.91 -1.92
CA ILE B 508 -12.10 -5.64 -1.76
C ILE B 508 -11.98 -7.08 -2.25
N CYS B 509 -10.88 -7.38 -2.95
CA CYS B 509 -10.62 -8.74 -3.42
C CYS B 509 -9.84 -9.55 -2.39
N SER B 510 -9.40 -8.89 -1.31
CA SER B 510 -8.70 -9.57 -0.23
C SER B 510 -9.68 -10.36 0.64
N PRO B 511 -9.24 -11.50 1.20
CA PRO B 511 -10.11 -12.40 1.96
C PRO B 511 -10.88 -11.75 3.10
N GLN B 512 -10.29 -10.74 3.75
CA GLN B 512 -10.98 -10.07 4.84
C GLN B 512 -12.09 -9.16 4.34
N TYR B 513 -11.98 -8.72 3.09
CA TYR B 513 -12.99 -7.85 2.50
C TYR B 513 -14.05 -8.62 1.72
N TRP B 514 -13.62 -9.66 1.01
CA TRP B 514 -14.53 -10.41 0.14
C TRP B 514 -15.52 -11.26 0.94
N LYS B 515 -16.42 -10.59 1.65
CA LYS B 515 -17.44 -11.22 2.47
C LYS B 515 -18.77 -10.54 2.23
N PRO B 516 -19.89 -11.23 2.52
CA PRO B 516 -21.21 -10.60 2.41
C PRO B 516 -21.37 -9.35 3.27
N SER B 517 -20.85 -9.39 4.51
CA SER B 517 -21.07 -8.31 5.46
C SER B 517 -20.41 -7.00 5.04
N THR B 518 -19.34 -7.10 4.25
CA THR B 518 -18.64 -5.93 3.75
C THR B 518 -19.57 -5.08 2.87
N PHE B 519 -20.47 -5.76 2.17
CA PHE B 519 -21.35 -5.10 1.22
C PHE B 519 -22.80 -5.07 1.69
N GLY B 520 -23.00 -4.98 3.00
CA GLY B 520 -24.33 -4.87 3.57
C GLY B 520 -25.09 -6.17 3.64
N GLY B 521 -24.41 -7.28 3.35
CA GLY B 521 -25.05 -8.59 3.42
C GLY B 521 -25.09 -9.29 2.07
N GLU B 522 -25.85 -10.38 2.01
CA GLU B 522 -25.93 -11.19 0.80
C GLU B 522 -26.59 -10.44 -0.36
N VAL B 523 -27.48 -9.51 -0.04
CA VAL B 523 -28.17 -8.72 -1.07
C VAL B 523 -27.19 -7.79 -1.79
N GLY B 524 -26.40 -7.05 -1.02
CA GLY B 524 -25.39 -6.18 -1.61
C GLY B 524 -24.30 -6.96 -2.30
N PHE B 525 -23.98 -8.13 -1.75
CA PHE B 525 -22.96 -9.00 -2.32
C PHE B 525 -23.39 -9.51 -3.69
N LYS B 526 -24.68 -9.79 -3.82
CA LYS B 526 -25.23 -10.37 -5.05
C LYS B 526 -25.20 -9.36 -6.20
N ILE B 527 -25.40 -8.10 -5.85
CA ILE B 527 -25.37 -7.01 -6.84
C ILE B 527 -24.05 -7.02 -7.60
N ILE B 528 -22.96 -7.22 -6.86
CA ILE B 528 -21.63 -7.32 -7.47
C ILE B 528 -21.48 -8.55 -8.35
N ASN B 529 -21.81 -9.71 -7.81
CA ASN B 529 -21.55 -10.98 -8.48
C ASN B 529 -22.53 -11.30 -9.62
N THR B 530 -23.50 -10.44 -9.83
CA THR B 530 -24.42 -10.58 -10.96
C THR B 530 -24.35 -9.40 -11.92
N ALA B 531 -23.41 -8.49 -11.65
CA ALA B 531 -23.30 -7.27 -12.45
C ALA B 531 -22.82 -7.56 -13.87
N SER B 532 -23.35 -6.79 -14.82
CA SER B 532 -22.94 -6.87 -16.21
C SER B 532 -23.17 -5.53 -16.87
N ILE B 533 -22.52 -5.31 -18.01
CA ILE B 533 -22.70 -4.04 -18.73
C ILE B 533 -24.15 -3.93 -19.20
N GLN B 534 -24.78 -5.08 -19.49
CA GLN B 534 -26.17 -5.11 -19.88
C GLN B 534 -27.09 -4.77 -18.71
N SER B 535 -26.81 -5.33 -17.54
CA SER B 535 -27.62 -5.08 -16.35
C SER B 535 -27.42 -3.67 -15.82
N LEU B 536 -26.24 -3.11 -16.05
CA LEU B 536 -25.95 -1.73 -15.66
C LEU B 536 -26.85 -0.76 -16.41
N ILE B 537 -26.96 -0.97 -17.71
CA ILE B 537 -27.80 -0.13 -18.56
C ILE B 537 -29.28 -0.41 -18.31
N CYS B 538 -29.62 -1.69 -18.17
CA CYS B 538 -31.01 -2.09 -17.98
C CYS B 538 -31.62 -1.48 -16.71
N ASN B 539 -30.85 -1.45 -15.63
CA ASN B 539 -31.33 -0.93 -14.36
C ASN B 539 -31.40 0.59 -14.29
N ASN B 540 -30.61 1.27 -15.11
CA ASN B 540 -30.45 2.72 -14.96
C ASN B 540 -30.80 3.54 -16.21
N VAL B 541 -31.19 2.87 -17.29
CA VAL B 541 -31.58 3.57 -18.50
C VAL B 541 -33.02 3.24 -18.85
N LYS B 542 -33.80 4.27 -19.13
CA LYS B 542 -35.23 4.14 -19.40
C LYS B 542 -35.49 3.24 -20.60
N GLY B 543 -36.42 2.30 -20.44
CA GLY B 543 -36.79 1.38 -21.51
C GLY B 543 -35.95 0.12 -21.55
N CYS B 544 -34.87 0.10 -20.77
CA CYS B 544 -33.93 -1.03 -20.74
C CYS B 544 -33.47 -1.45 -22.14
N PRO B 545 -32.71 -0.57 -22.82
CA PRO B 545 -32.24 -0.92 -24.16
C PRO B 545 -31.15 -1.99 -24.13
N PHE B 546 -31.12 -2.83 -25.15
CA PHE B 546 -30.05 -3.82 -25.29
C PHE B 546 -28.73 -3.08 -25.49
N THR B 547 -27.68 -3.57 -24.84
CA THR B 547 -26.36 -3.01 -25.05
C THR B 547 -25.28 -4.07 -24.99
N SER B 548 -24.12 -3.74 -25.55
CA SER B 548 -23.00 -4.66 -25.66
C SER B 548 -21.76 -3.89 -26.05
N PHE B 549 -20.59 -4.54 -25.94
CA PHE B 549 -19.35 -3.91 -26.35
C PHE B 549 -19.03 -4.21 -27.81
N ASN B 550 -19.85 -5.04 -28.44
CA ASN B 550 -19.71 -5.33 -29.87
C ASN B 550 -20.96 -4.92 -30.65
N VAL B 551 -20.77 -4.54 -31.91
CA VAL B 551 -21.89 -4.14 -32.76
C VAL B 551 -22.75 -5.34 -33.17
C1 NAG C . -8.83 11.76 6.16
C2 NAG C . -8.90 12.84 5.07
C3 NAG C . -8.82 14.23 5.70
C4 NAG C . -9.88 14.38 6.79
C5 NAG C . -9.77 13.25 7.80
C6 NAG C . -10.88 13.25 8.83
C7 NAG C . -8.02 12.63 2.78
C8 NAG C . -6.80 12.44 1.94
N2 NAG C . -7.83 12.67 4.11
O3 NAG C . -9.01 15.22 4.70
O4 NAG C . -9.72 15.62 7.46
O5 NAG C . -9.87 11.98 7.12
O6 NAG C . -12.13 12.92 8.24
O7 NAG C . -9.15 12.74 2.30
C1 NAG C . -10.83 16.49 7.21
C2 NAG C . -10.89 17.50 8.36
C3 NAG C . -12.01 18.53 8.11
C4 NAG C . -11.87 19.14 6.73
C5 NAG C . -11.79 18.04 5.67
C6 NAG C . -11.53 18.58 4.27
C7 NAG C . -10.14 16.61 10.52
C8 NAG C . -10.54 15.89 11.76
N2 NAG C . -11.11 16.82 9.63
O3 NAG C . -11.90 19.55 9.10
O4 NAG C . -13.00 19.97 6.46
O5 NAG C . -10.69 17.17 5.97
O6 NAG C . -12.44 18.01 3.33
O7 NAG C . -8.98 16.99 10.32
C1 NAG D . 6.86 13.73 -4.57
C2 NAG D . 6.80 14.67 -3.37
C3 NAG D . 6.58 16.10 -3.84
C4 NAG D . 7.61 16.50 -4.88
C5 NAG D . 7.60 15.49 -6.02
C6 NAG D . 8.67 15.73 -7.06
C7 NAG D . 5.99 14.00 -1.15
C8 NAG D . 4.80 13.59 -0.34
N2 NAG D . 5.77 14.26 -2.44
O3 NAG D . 6.64 16.99 -2.72
O4 NAG D . 7.32 17.80 -5.39
O5 NAG D . 7.84 14.18 -5.49
O6 NAG D . 9.97 15.47 -6.52
O7 NAG D . 7.11 14.10 -0.65
C1 NAG D . 8.47 18.67 -5.20
C2 NAG D . 8.33 19.82 -6.18
C3 NAG D . 9.49 20.80 -6.02
C4 NAG D . 9.69 21.20 -4.56
C5 NAG D . 9.70 19.97 -3.65
C6 NAG D . 9.72 20.30 -2.18
C7 NAG D . 7.16 19.16 -8.24
C8 NAG D . 7.30 18.64 -9.63
N2 NAG D . 8.29 19.32 -7.56
O3 NAG D . 9.23 21.97 -6.80
O4 NAG D . 10.94 21.88 -4.46
O5 NAG D . 8.53 19.18 -3.88
O6 NAG D . 8.39 20.37 -1.65
O7 NAG D . 6.06 19.41 -7.75
C1 MAN D . 10.96 23.09 -3.65
C2 MAN D . 10.08 24.23 -4.32
C3 MAN D . 10.40 25.60 -3.69
C4 MAN D . 11.37 25.47 -2.52
C5 MAN D . 12.64 24.84 -3.07
C6 MAN D . 13.78 24.82 -2.08
O2 MAN D . 8.68 24.04 -4.08
O3 MAN D . 9.21 26.27 -3.27
O4 MAN D . 11.67 26.75 -1.98
O5 MAN D . 12.35 23.45 -3.45
O6 MAN D . 14.83 25.64 -2.58
CO COH E . 6.17 8.45 26.18
CHA COH E . 3.55 9.37 24.17
CHB COH E . 5.97 11.44 27.81
CHC COH E . 9.28 7.91 27.59
CHD COH E . 6.15 5.28 24.96
NA COH E . 4.95 10.10 26.03
C1A COH E . 3.95 10.29 25.11
C2A COH E . 3.41 11.63 25.29
C3A COH E . 4.09 12.20 26.30
C4A COH E . 5.07 11.24 26.79
CMA COH E . 3.93 13.62 26.91
CAA COH E . 2.27 12.22 24.43
CBA COH E . 1.13 12.81 25.26
CGA COH E . -0.20 12.17 24.91
O1A COH E . -1.25 12.78 25.24
O2A COH E . -0.19 11.06 24.32
NB COH E . 7.38 9.47 27.52
C1B COH E . 7.15 10.74 27.97
C2B COH E . 8.35 11.23 28.61
C3B COH E . 9.27 10.25 28.55
C4B COH E . 8.68 9.13 27.86
CMB COH E . 8.46 12.64 29.24
CAB COH E . 10.73 10.23 29.08
CBB COH E . 11.36 11.24 29.69
NC COH E . 7.48 6.86 26.28
C1C COH E . 8.73 6.87 26.87
C2C COH E . 9.35 5.59 26.61
C3C COH E . 8.51 4.85 25.88
C4C COH E . 7.30 5.64 25.66
CMC COH E . 10.76 5.14 27.07
CAC COH E . 8.81 3.40 25.39
CBC COH E . 8.08 2.79 24.46
ND COH E . 4.97 7.44 24.82
C1D COH E . 5.28 6.16 24.36
C2D COH E . 4.55 5.93 23.13
C3D COH E . 3.75 7.21 22.89
C4D COH E . 4.06 8.10 23.98
CMD COH E . 4.59 4.66 22.24
CAD COH E . 2.78 7.52 21.72
CBD COH E . 3.50 8.52 20.81
CGD COH E . 2.54 9.15 19.84
O1D COH E . 1.45 8.55 19.60
O2D COH E . 2.86 10.24 19.31
C1 BOG F . -1.67 10.82 44.36
O1 BOG F . -1.65 9.75 45.26
C2 BOG F . -2.27 12.04 45.02
O2 BOG F . -3.67 11.74 45.38
C3 BOG F . -2.26 13.21 44.09
O3 BOG F . -2.73 14.40 44.80
C4 BOG F . -0.90 13.47 43.56
O4 BOG F . -0.99 14.46 42.53
C5 BOG F . -0.25 12.24 42.96
O5 BOG F . -0.28 11.09 43.90
C6 BOG F . 1.17 12.55 42.66
O6 BOG F . 1.97 12.34 43.82
C1' BOG F . -0.54 8.84 45.02
C2' BOG F . -0.90 7.40 45.49
C3' BOG F . 0.29 6.52 45.26
C4' BOG F . 1.40 6.90 46.28
C5' BOG F . 2.78 7.05 45.54
C6' BOG F . 3.57 8.21 46.19
C7' BOG F . 5.05 8.13 45.80
C8' BOG F . 5.69 6.88 46.46
C1 NAG G . -26.00 -15.60 20.50
C2 NAG G . -26.82 -16.71 21.17
C3 NAG G . -28.07 -16.11 21.85
C4 NAG G . -27.66 -14.99 22.79
C5 NAG G . -26.82 -13.95 22.05
C6 NAG G . -26.30 -12.87 22.95
C7 NAG G . -26.71 -18.97 20.22
C8 NAG G . -27.23 -19.88 19.15
N2 NAG G . -27.21 -17.72 20.21
O3 NAG G . -28.75 -17.13 22.57
O4 NAG G . -28.83 -14.36 23.33
O5 NAG G . -25.67 -14.59 21.47
O6 NAG G . -25.84 -11.74 22.22
O7 NAG G . -25.90 -19.34 21.06
C1 NAG H . 20.47 21.23 32.49
C2 NAG H . 20.00 21.83 33.81
C3 NAG H . 21.14 22.58 34.50
C4 NAG H . 22.36 21.67 34.64
C5 NAG H . 22.74 21.10 33.27
C6 NAG H . 23.88 20.11 33.35
C7 NAG H . 17.73 22.65 34.32
C8 NAG H . 16.67 23.64 33.98
N2 NAG H . 18.87 22.72 33.61
O3 NAG H . 20.72 23.02 35.78
O4 NAG H . 23.46 22.40 35.17
O5 NAG H . 21.62 20.40 32.72
O6 NAG H . 24.46 19.89 32.07
O7 NAG H . 17.59 21.82 35.22
CA AKR I . -13.06 -11.01 40.06
CB AKR I . -14.40 -11.19 40.13
C AKR I . -12.22 -11.00 41.32
O AKR I . -12.59 -10.35 42.33
OXT AKR I . -11.14 -11.65 41.36
CO COH J . -7.58 10.71 -24.53
CHA COH J . -5.06 11.81 -22.48
CHB COH J . -8.03 13.94 -25.65
CHC COH J . -10.36 9.74 -26.30
CHD COH J . -7.08 7.44 -23.55
NA COH J . -6.69 12.54 -24.16
C1A COH J . -5.69 12.78 -23.23
C2A COH J . -5.42 14.20 -23.19
C3A COH J . -6.26 14.80 -24.08
C4A COH J . -7.06 13.76 -24.70
CMA COH J . -6.41 16.29 -24.44
CAA COH J . -4.36 14.83 -22.26
CBA COH J . -3.48 15.90 -22.91
CGA COH J . -2.04 15.46 -22.95
O1A COH J . -1.15 16.32 -22.69
O2A COH J . -1.77 14.26 -23.23
NB COH J . -8.90 11.65 -25.82
C1B COH J . -9.00 13.01 -26.00
C2B COH J . -10.29 13.32 -26.60
C3B COH J . -10.93 12.15 -26.79
C4B COH J . -10.07 11.09 -26.29
CMB COH J . -10.74 14.75 -26.94
CAB COH J . -12.34 11.88 -27.38
CBB COH J . -13.24 12.82 -27.68
NC COH J . -8.54 8.91 -24.86
C1C COH J . -9.68 8.74 -25.62
C2C COH J . -10.04 7.35 -25.60
C3C COH J . -9.16 6.70 -24.83
C4C COH J . -8.18 7.67 -24.35
CMC COH J . -11.26 6.72 -26.30
CAC COH J . -9.22 5.17 -24.57
CBC COH J . -8.55 4.60 -23.57
ND COH J . -6.25 9.77 -23.24
C1D COH J . -6.27 8.41 -22.95
C2D COH J . -5.30 8.15 -21.91
C3D COH J . -4.68 9.52 -21.58
C4D COH J . -5.33 10.46 -22.45
CMD COH J . -4.97 6.78 -21.27
CAD COH J . -3.58 9.87 -20.55
CBD COH J . -4.22 10.02 -19.17
CGD COH J . -3.58 11.14 -18.38
O1D COH J . -2.36 11.05 -18.02
O2D COH J . -4.30 12.14 -18.11
C1 NAG K . 28.03 -8.84 -22.15
C2 NAG K . 28.96 -9.76 -22.94
C3 NAG K . 30.06 -8.95 -23.63
C4 NAG K . 29.47 -7.81 -24.45
C5 NAG K . 28.58 -6.96 -23.55
C6 NAG K . 27.89 -5.84 -24.29
C7 NAG K . 29.11 -12.05 -22.05
C8 NAG K . 29.83 -12.95 -21.10
N2 NAG K . 29.55 -10.78 -22.08
O3 NAG K . 30.83 -9.81 -24.47
O4 NAG K . 30.50 -7.02 -25.01
O5 NAG K . 27.54 -7.78 -22.99
O6 NAG K . 27.50 -4.80 -23.40
O7 NAG K . 28.19 -12.43 -22.75
C1 NAG L . -24.32 21.30 -29.70
C2 NAG L . -23.92 22.12 -30.94
C3 NAG L . -25.15 22.70 -31.63
C4 NAG L . -26.18 21.62 -31.90
C5 NAG L . -26.51 20.88 -30.60
C6 NAG L . -27.48 19.75 -30.78
C7 NAG L . -21.88 23.45 -31.27
C8 NAG L . -21.04 24.58 -30.75
N2 NAG L . -22.99 23.18 -30.57
O3 NAG L . -24.77 23.32 -32.84
O4 NAG L . -27.37 22.19 -32.43
O5 NAG L . -25.30 20.33 -30.07
O6 NAG L . -28.11 19.42 -29.55
O7 NAG L . -21.57 22.81 -32.26
CA AKR M . 14.35 -3.77 -42.04
CB AKR M . 14.67 -3.40 -40.79
C AKR M . 12.95 -3.57 -42.57
O AKR M . 12.04 -4.39 -42.29
OXT AKR M . 12.69 -2.58 -43.30
#